data_1Y2B
#
_entry.id   1Y2B
#
_cell.length_a   60.469
_cell.length_b   79.009
_cell.length_c   164.141
_cell.angle_alpha   90.00
_cell.angle_beta   90.00
_cell.angle_gamma   90.00
#
_symmetry.space_group_name_H-M   'P 21 21 21'
#
loop_
_entity.id
_entity.type
_entity.pdbx_description
1 polymer "cAMP-specific 3',5'-cyclic phosphodiesterase 4D"
2 non-polymer 'ZINC ION'
3 non-polymer 'MAGNESIUM ION'
4 non-polymer '3,5-DIMETHYL-1H-PYRAZOLE-4-CARBOXYLIC ACID ETHYL ESTER'
5 non-polymer 1,2-ETHANEDIOL
6 water water
#
_entity_poly.entity_id   1
_entity_poly.type   'polypeptide(L)'
_entity_poly.pdbx_seq_one_letter_code
;MGSSHHHHHHSSGLVPRGSHMTEQEDVLAKELEDVNKWGLHVFRIAELSGNRPLTVIMHTIFQERDLLKTFKIPVDTLIT
YLMTLEDHYHADVAYHNNIHAADVVQSTHVLLSTPALEAVFTDLEILAAIFASAIHDVDHPGVSNQFLINTNSELALMYN
DSSVLENHHLAVGFKLLQEENCDIFQNLTKKQRQSLRKMVIDIVLATDMSKHMNLLADLKTMVETKKVTSSGVLLLDNYS
DRIQVLQNMVHCADLSNPTKPLQLYRQWTDRIMEEFFRQGDRERERGMEISPMCDKHNASVEKSQVGFIDYIVHPLWETW
ADLVHPDAQDILDTLEDNREWYQSTIPQS
;
_entity_poly.pdbx_strand_id   A,B
#
loop_
_chem_comp.id
_chem_comp.type
_chem_comp.name
_chem_comp.formula
DEE non-polymer '3,5-DIMETHYL-1H-PYRAZOLE-4-CARBOXYLIC ACID ETHYL ESTER' 'C8 H12 N2 O2'
EDO non-polymer 1,2-ETHANEDIOL 'C2 H6 O2'
MG non-polymer 'MAGNESIUM ION' 'Mg 2'
ZN non-polymer 'ZINC ION' 'Zn 2'
#
# COMPACT_ATOMS: atom_id res chain seq x y z
N THR A 22 22.02 -41.97 -2.26
CA THR A 22 22.58 -42.09 -3.63
C THR A 22 23.72 -41.08 -3.82
N GLU A 23 24.46 -41.23 -4.91
CA GLU A 23 25.55 -40.32 -5.26
C GLU A 23 25.05 -38.88 -5.35
N GLN A 24 23.85 -38.71 -5.93
CA GLN A 24 23.22 -37.40 -6.09
C GLN A 24 23.01 -36.72 -4.74
N GLU A 25 22.53 -37.49 -3.77
CA GLU A 25 22.29 -36.98 -2.41
C GLU A 25 23.58 -36.57 -1.69
N ASP A 26 24.66 -37.34 -1.91
CA ASP A 26 25.95 -37.06 -1.28
C ASP A 26 26.57 -35.78 -1.83
N VAL A 27 26.48 -35.60 -3.15
CA VAL A 27 27.04 -34.42 -3.81
C VAL A 27 26.25 -33.18 -3.39
N LEU A 28 24.93 -33.33 -3.25
CA LEU A 28 24.07 -32.23 -2.81
C LEU A 28 24.46 -31.79 -1.40
N ALA A 29 24.67 -32.75 -0.51
CA ALA A 29 25.06 -32.46 0.86
C ALA A 29 26.41 -31.73 0.90
N LYS A 30 27.33 -32.12 0.03
CA LYS A 30 28.65 -31.50 -0.04
C LYS A 30 28.56 -30.06 -0.55
N GLU A 31 27.70 -29.81 -1.53
CA GLU A 31 27.52 -28.47 -2.06
C GLU A 31 26.91 -27.57 -0.99
N LEU A 32 26.03 -28.13 -0.15
CA LEU A 32 25.36 -27.38 0.91
C LEU A 32 26.29 -27.01 2.07
N GLU A 33 27.48 -27.61 2.10
CA GLU A 33 28.49 -27.26 3.12
C GLU A 33 29.01 -25.83 2.91
N ASP A 34 28.80 -25.29 1.70
CA ASP A 34 29.20 -23.91 1.36
C ASP A 34 28.08 -22.90 1.62
N VAL A 35 27.07 -23.28 2.40
CA VAL A 35 25.92 -22.40 2.65
C VAL A 35 26.28 -21.07 3.32
N ASN A 36 27.38 -21.03 4.06
CA ASN A 36 27.82 -19.79 4.71
C ASN A 36 28.77 -18.95 3.85
N LYS A 37 28.96 -19.34 2.59
CA LYS A 37 29.90 -18.65 1.69
C LYS A 37 29.24 -17.92 0.52
N TRP A 38 29.81 -16.76 0.19
CA TRP A 38 29.39 -15.98 -0.96
C TRP A 38 29.87 -16.78 -2.17
N GLY A 39 28.98 -17.05 -3.11
CA GLY A 39 29.33 -17.83 -4.29
C GLY A 39 28.89 -19.28 -4.27
N LEU A 40 27.98 -19.62 -3.35
CA LEU A 40 27.41 -20.96 -3.30
C LEU A 40 26.98 -21.40 -4.71
N HIS A 41 27.19 -22.67 -5.05
CA HIS A 41 26.81 -23.19 -6.36
C HIS A 41 25.30 -23.47 -6.38
N VAL A 42 24.52 -22.39 -6.43
CA VAL A 42 23.06 -22.49 -6.33
C VAL A 42 22.38 -23.19 -7.52
N PHE A 43 22.92 -23.05 -8.72
CA PHE A 43 22.35 -23.72 -9.88
C PHE A 43 22.57 -25.22 -9.79
N ARG A 44 23.76 -25.62 -9.34
CA ARG A 44 24.07 -27.05 -9.14
C ARG A 44 23.13 -27.63 -8.07
N ILE A 45 22.88 -26.87 -7.00
CA ILE A 45 21.99 -27.32 -5.94
C ILE A 45 20.56 -27.48 -6.47
N ALA A 46 20.14 -26.58 -7.36
CA ALA A 46 18.81 -26.66 -7.94
C ALA A 46 18.67 -27.95 -8.76
N GLU A 47 19.71 -28.30 -9.51
CA GLU A 47 19.71 -29.52 -10.32
C GLU A 47 19.69 -30.77 -9.45
N LEU A 48 20.60 -30.82 -8.48
CA LEU A 48 20.76 -31.99 -7.61
C LEU A 48 19.56 -32.27 -6.70
N SER A 49 18.81 -31.23 -6.38
CA SER A 49 17.65 -31.36 -5.48
C SER A 49 16.32 -31.60 -6.20
N GLY A 50 16.36 -31.81 -7.52
CA GLY A 50 15.15 -32.01 -8.30
C GLY A 50 14.32 -30.74 -8.37
N ASN A 51 15.01 -29.63 -8.60
CA ASN A 51 14.43 -28.28 -8.65
C ASN A 51 13.78 -27.85 -7.34
N ARG A 52 14.45 -28.17 -6.23
CA ARG A 52 14.01 -27.75 -4.90
C ARG A 52 15.08 -26.93 -4.16
N PRO A 53 15.74 -25.97 -4.83
CA PRO A 53 16.78 -25.20 -4.15
C PRO A 53 16.26 -24.38 -2.97
N LEU A 54 15.06 -23.81 -3.07
CA LEU A 54 14.52 -22.99 -1.98
C LEU A 54 14.24 -23.83 -0.74
N THR A 55 13.66 -25.00 -0.94
CA THR A 55 13.34 -25.89 0.18
C THR A 55 14.61 -26.38 0.87
N VAL A 56 15.56 -26.93 0.13
CA VAL A 56 16.78 -27.45 0.74
C VAL A 56 17.68 -26.36 1.33
N ILE A 57 17.77 -25.20 0.68
CA ILE A 57 18.61 -24.12 1.21
C ILE A 57 17.96 -23.51 2.47
N MET A 58 16.65 -23.31 2.46
CA MET A 58 15.97 -22.78 3.65
C MET A 58 16.09 -23.75 4.81
N HIS A 59 15.91 -25.04 4.54
CA HIS A 59 15.99 -26.05 5.59
C HIS A 59 17.39 -26.08 6.19
N THR A 60 18.40 -26.05 5.32
CA THR A 60 19.80 -26.05 5.76
C THR A 60 20.10 -24.84 6.63
N ILE A 61 19.63 -23.67 6.22
CA ILE A 61 19.87 -22.42 6.97
C ILE A 61 19.14 -22.42 8.30
N PHE A 62 17.91 -22.95 8.34
CA PHE A 62 17.14 -23.02 9.57
C PHE A 62 17.83 -23.94 10.57
N GLN A 63 18.44 -25.02 10.09
CA GLN A 63 19.15 -25.95 10.96
C GLN A 63 20.46 -25.31 11.44
N GLU A 64 21.14 -24.61 10.54
CA GLU A 64 22.43 -23.95 10.85
C GLU A 64 22.27 -22.89 11.94
N ARG A 65 21.17 -22.13 11.87
CA ARG A 65 20.89 -21.06 12.82
C ARG A 65 20.04 -21.52 14.02
N ASP A 66 19.74 -22.82 14.07
CA ASP A 66 18.95 -23.41 15.17
C ASP A 66 17.56 -22.77 15.32
N LEU A 67 16.98 -22.36 14.20
CA LEU A 67 15.67 -21.68 14.20
C LEU A 67 14.49 -22.60 14.52
N LEU A 68 14.57 -23.88 14.18
CA LEU A 68 13.49 -24.81 14.46
C LEU A 68 13.31 -24.98 15.97
N LYS A 69 14.43 -25.11 16.68
CA LYS A 69 14.39 -25.27 18.14
C LYS A 69 13.98 -23.97 18.82
N THR A 70 14.57 -22.86 18.37
CA THR A 70 14.29 -21.54 18.95
C THR A 70 12.82 -21.15 18.88
N PHE A 71 12.18 -21.39 17.73
CA PHE A 71 10.78 -21.02 17.51
C PHE A 71 9.81 -22.20 17.51
N LYS A 72 10.29 -23.35 17.98
CA LYS A 72 9.48 -24.57 18.09
C LYS A 72 8.72 -24.87 16.80
N ILE A 73 9.44 -24.87 15.69
CA ILE A 73 8.87 -25.16 14.38
C ILE A 73 8.99 -26.65 14.11
N PRO A 74 7.89 -27.36 13.97
CA PRO A 74 7.96 -28.80 13.66
C PRO A 74 8.62 -28.97 12.29
N VAL A 75 9.54 -29.92 12.16
CA VAL A 75 10.26 -30.08 10.89
C VAL A 75 9.33 -30.37 9.71
N ASP A 76 8.33 -31.22 9.92
CA ASP A 76 7.37 -31.55 8.85
C ASP A 76 6.58 -30.32 8.39
N THR A 77 6.27 -29.43 9.33
CA THR A 77 5.55 -28.19 9.01
C THR A 77 6.42 -27.27 8.14
N LEU A 78 7.70 -27.16 8.51
CA LEU A 78 8.64 -26.33 7.76
C LEU A 78 8.78 -26.83 6.33
N ILE A 79 9.00 -28.13 6.17
CA ILE A 79 9.18 -28.69 4.82
C ILE A 79 7.89 -28.56 3.99
N THR A 80 6.73 -28.78 4.61
CA THR A 80 5.46 -28.66 3.91
C THR A 80 5.25 -27.23 3.41
N TYR A 81 5.50 -26.24 4.26
CA TYR A 81 5.36 -24.84 3.87
C TYR A 81 6.34 -24.47 2.77
N LEU A 82 7.59 -24.88 2.94
CA LEU A 82 8.64 -24.56 1.96
C LEU A 82 8.36 -25.13 0.58
N MET A 83 7.89 -26.36 0.53
N MET A 83 7.90 -26.37 0.52
CA MET A 83 7.58 -27.00 -0.75
CA MET A 83 7.58 -27.02 -0.74
C MET A 83 6.40 -26.31 -1.41
C MET A 83 6.39 -26.32 -1.41
N THR A 84 5.42 -25.90 -0.61
CA THR A 84 4.23 -25.20 -1.11
C THR A 84 4.62 -23.82 -1.64
N LEU A 85 5.44 -23.10 -0.88
CA LEU A 85 5.93 -21.80 -1.28
C LEU A 85 6.70 -21.90 -2.58
N GLU A 86 7.60 -22.87 -2.65
CA GLU A 86 8.43 -23.10 -3.84
C GLU A 86 7.56 -23.41 -5.06
N ASP A 87 6.47 -24.15 -4.86
CA ASP A 87 5.54 -24.49 -5.94
C ASP A 87 4.87 -23.26 -6.53
N HIS A 88 4.81 -22.16 -5.76
CA HIS A 88 4.17 -20.93 -6.22
C HIS A 88 5.12 -19.97 -6.94
N TYR A 89 6.38 -20.37 -7.11
CA TYR A 89 7.31 -19.70 -8.00
C TYR A 89 7.10 -20.39 -9.35
N HIS A 90 7.11 -19.64 -10.43
CA HIS A 90 6.83 -20.17 -11.76
C HIS A 90 8.06 -20.82 -12.39
N ALA A 91 7.93 -22.07 -12.80
CA ALA A 91 9.04 -22.80 -13.42
C ALA A 91 9.36 -22.34 -14.84
N ASP A 92 8.43 -21.59 -15.45
CA ASP A 92 8.63 -21.08 -16.82
C ASP A 92 9.06 -19.60 -16.86
N VAL A 93 9.41 -19.04 -15.70
CA VAL A 93 9.93 -17.67 -15.62
C VAL A 93 11.44 -17.84 -15.43
N ALA A 94 12.24 -17.29 -16.34
CA ALA A 94 13.68 -17.55 -16.36
C ALA A 94 14.49 -16.98 -15.20
N TYR A 95 14.11 -15.82 -14.69
CA TYR A 95 14.87 -15.19 -13.60
C TYR A 95 14.12 -15.19 -12.26
N HIS A 96 12.91 -14.62 -12.24
CA HIS A 96 12.14 -14.48 -11.00
C HIS A 96 11.43 -15.77 -10.61
N ASN A 97 12.24 -16.77 -10.23
CA ASN A 97 11.77 -18.10 -9.90
C ASN A 97 12.35 -18.56 -8.56
N ASN A 98 12.12 -19.83 -8.23
CA ASN A 98 12.60 -20.42 -6.99
C ASN A 98 14.13 -20.41 -6.82
N ILE A 99 14.89 -20.41 -7.91
CA ILE A 99 16.35 -20.34 -7.81
C ILE A 99 16.76 -18.96 -7.33
N HIS A 100 16.15 -17.91 -7.89
CA HIS A 100 16.41 -16.54 -7.43
C HIS A 100 16.03 -16.38 -5.96
N ALA A 101 14.88 -16.93 -5.57
CA ALA A 101 14.45 -16.85 -4.17
C ALA A 101 15.47 -17.53 -3.25
N ALA A 102 15.92 -18.73 -3.63
CA ALA A 102 16.92 -19.45 -2.85
C ALA A 102 18.22 -18.66 -2.74
N ASP A 103 18.60 -18.01 -3.82
CA ASP A 103 19.82 -17.21 -3.88
C ASP A 103 19.73 -15.99 -2.95
N VAL A 104 18.58 -15.31 -2.96
CA VAL A 104 18.40 -14.13 -2.12
C VAL A 104 18.38 -14.57 -0.64
N VAL A 105 17.73 -15.68 -0.35
CA VAL A 105 17.72 -16.24 0.99
C VAL A 105 19.14 -16.49 1.48
N GLN A 106 19.94 -17.18 0.67
CA GLN A 106 21.30 -17.54 1.08
C GLN A 106 22.21 -16.33 1.18
N SER A 107 21.99 -15.35 0.32
CA SER A 107 22.77 -14.12 0.33
C SER A 107 22.47 -13.31 1.59
N THR A 108 21.19 -13.22 1.96
CA THR A 108 20.79 -12.56 3.19
C THR A 108 21.40 -13.26 4.39
N HIS A 109 21.39 -14.60 4.35
CA HIS A 109 21.96 -15.41 5.41
C HIS A 109 23.45 -15.06 5.63
N VAL A 110 24.20 -14.91 4.53
CA VAL A 110 25.62 -14.53 4.65
C VAL A 110 25.77 -13.11 5.19
N LEU A 111 24.97 -12.17 4.68
CA LEU A 111 25.04 -10.78 5.13
C LEU A 111 24.70 -10.61 6.61
N LEU A 112 23.81 -11.47 7.12
CA LEU A 112 23.43 -11.41 8.53
C LEU A 112 24.61 -11.81 9.43
N SER A 113 25.53 -12.62 8.90
CA SER A 113 26.70 -13.10 9.63
C SER A 113 27.92 -12.16 9.55
N THR A 114 27.74 -10.98 8.97
CA THR A 114 28.80 -9.98 8.85
C THR A 114 29.33 -9.64 10.27
N PRO A 115 30.64 -9.66 10.51
CA PRO A 115 31.17 -9.32 11.84
C PRO A 115 30.65 -7.98 12.42
N ALA A 116 30.45 -6.98 11.58
CA ALA A 116 29.94 -5.68 12.04
C ALA A 116 28.50 -5.74 12.54
N LEU A 117 27.80 -6.83 12.23
CA LEU A 117 26.42 -7.02 12.68
C LEU A 117 26.32 -8.13 13.73
N GLU A 118 27.45 -8.51 14.32
CA GLU A 118 27.50 -9.57 15.31
C GLU A 118 26.64 -9.23 16.53
N ALA A 119 25.62 -10.06 16.77
CA ALA A 119 24.71 -9.90 17.90
C ALA A 119 23.85 -8.63 17.85
N VAL A 120 23.73 -8.03 16.67
CA VAL A 120 22.95 -6.81 16.52
C VAL A 120 21.46 -7.12 16.44
N PHE A 121 21.10 -8.11 15.63
CA PHE A 121 19.70 -8.50 15.44
C PHE A 121 19.27 -9.70 16.29
N THR A 122 18.04 -9.65 16.75
CA THR A 122 17.44 -10.74 17.54
C THR A 122 17.10 -11.89 16.63
N ASP A 123 16.81 -13.04 17.24
CA ASP A 123 16.42 -14.24 16.51
C ASP A 123 15.16 -14.00 15.69
N LEU A 124 14.22 -13.19 16.21
CA LEU A 124 12.97 -12.89 15.50
C LEU A 124 13.25 -12.04 14.27
N GLU A 125 14.17 -11.09 14.39
CA GLU A 125 14.55 -10.22 13.27
C GLU A 125 15.28 -11.03 12.20
N ILE A 126 16.11 -11.98 12.62
CA ILE A 126 16.83 -12.88 11.72
C ILE A 126 15.80 -13.72 10.94
N LEU A 127 14.83 -14.27 11.67
CA LEU A 127 13.77 -15.08 11.08
C LEU A 127 12.98 -14.25 10.06
N ALA A 128 12.67 -13.01 10.41
CA ALA A 128 11.92 -12.13 9.52
C ALA A 128 12.67 -11.84 8.23
N ALA A 129 13.97 -11.56 8.33
CA ALA A 129 14.77 -11.24 7.15
C ALA A 129 14.89 -12.44 6.22
N ILE A 130 15.06 -13.62 6.79
CA ILE A 130 15.19 -14.85 5.99
C ILE A 130 13.86 -15.23 5.35
N PHE A 131 12.78 -15.17 6.13
CA PHE A 131 11.44 -15.48 5.62
C PHE A 131 11.06 -14.48 4.53
N ALA A 132 11.31 -13.20 4.76
CA ALA A 132 11.02 -12.17 3.75
C ALA A 132 11.76 -12.48 2.46
N SER A 133 13.02 -12.87 2.57
CA SER A 133 13.84 -13.22 1.40
C SER A 133 13.22 -14.38 0.62
N ALA A 134 12.71 -15.38 1.35
CA ALA A 134 12.13 -16.57 0.73
C ALA A 134 10.86 -16.28 -0.06
N ILE A 135 10.00 -15.42 0.46
CA ILE A 135 8.73 -15.10 -0.19
C ILE A 135 8.76 -13.88 -1.10
N HIS A 136 9.89 -13.17 -1.15
CA HIS A 136 9.92 -11.84 -1.76
C HIS A 136 9.52 -11.69 -3.21
N ASP A 137 9.60 -12.75 -4.01
CA ASP A 137 9.17 -12.71 -5.43
C ASP A 137 8.16 -13.80 -5.77
N VAL A 138 7.51 -14.39 -4.77
CA VAL A 138 6.62 -15.52 -5.05
C VAL A 138 5.46 -15.16 -5.99
N ASP A 139 5.17 -16.07 -6.91
CA ASP A 139 4.12 -15.90 -7.91
C ASP A 139 4.41 -14.75 -8.88
N HIS A 140 5.70 -14.48 -9.12
CA HIS A 140 6.10 -13.44 -10.05
C HIS A 140 5.74 -13.90 -11.48
N PRO A 141 4.99 -13.09 -12.24
CA PRO A 141 4.61 -13.47 -13.61
C PRO A 141 5.66 -13.25 -14.70
N GLY A 142 6.81 -12.67 -14.36
CA GLY A 142 7.86 -12.44 -15.33
C GLY A 142 7.74 -11.12 -16.08
N VAL A 143 6.89 -10.22 -15.60
CA VAL A 143 6.75 -8.88 -16.17
C VAL A 143 6.83 -7.85 -15.05
N SER A 144 7.20 -6.62 -15.41
CA SER A 144 7.42 -5.55 -14.44
C SER A 144 6.15 -4.87 -13.95
N ASN A 145 6.29 -4.12 -12.86
CA ASN A 145 5.18 -3.32 -12.32
C ASN A 145 4.65 -2.37 -13.38
N GLN A 146 5.55 -1.71 -14.12
CA GLN A 146 5.13 -0.77 -15.15
C GLN A 146 4.33 -1.47 -16.25
N PHE A 147 4.72 -2.69 -16.63
CA PHE A 147 3.97 -3.45 -17.63
C PHE A 147 2.56 -3.74 -17.10
N LEU A 148 2.48 -4.15 -15.84
CA LEU A 148 1.20 -4.47 -15.21
C LEU A 148 0.30 -3.25 -15.14
N ILE A 149 0.87 -2.07 -14.93
CA ILE A 149 0.10 -0.83 -14.88
C ILE A 149 -0.35 -0.43 -16.30
N ASN A 150 0.56 -0.51 -17.26
CA ASN A 150 0.29 -0.12 -18.65
C ASN A 150 -0.73 -0.99 -19.37
N THR A 151 -0.84 -2.25 -18.97
CA THR A 151 -1.78 -3.19 -19.58
C THR A 151 -3.09 -3.27 -18.82
N ASN A 152 -3.30 -2.36 -17.87
CA ASN A 152 -4.52 -2.32 -17.06
C ASN A 152 -4.84 -3.70 -16.47
N SER A 153 -3.83 -4.32 -15.88
CA SER A 153 -3.94 -5.65 -15.31
C SER A 153 -4.78 -5.67 -14.04
N GLU A 154 -5.29 -6.85 -13.71
CA GLU A 154 -6.07 -7.03 -12.48
C GLU A 154 -5.20 -6.77 -11.25
N LEU A 155 -3.91 -7.10 -11.34
CA LEU A 155 -3.00 -6.86 -10.22
C LEU A 155 -2.84 -5.37 -9.94
N ALA A 156 -2.65 -4.57 -10.98
CA ALA A 156 -2.48 -3.12 -10.81
C ALA A 156 -3.79 -2.48 -10.33
N LEU A 157 -4.92 -3.02 -10.75
CA LEU A 157 -6.21 -2.53 -10.31
C LEU A 157 -6.41 -2.82 -8.81
N MET A 158 -6.02 -4.01 -8.39
N MET A 158 -6.02 -4.01 -8.39
CA MET A 158 -6.14 -4.43 -6.99
CA MET A 158 -6.15 -4.42 -6.99
C MET A 158 -5.30 -3.56 -6.08
C MET A 158 -5.29 -3.55 -6.08
N TYR A 159 -4.06 -3.28 -6.51
CA TYR A 159 -3.08 -2.55 -5.70
C TYR A 159 -2.89 -1.06 -6.00
N ASN A 160 -3.79 -0.48 -6.80
CA ASN A 160 -3.75 0.96 -7.06
C ASN A 160 -2.40 1.48 -7.54
N ASP A 161 -1.80 0.70 -8.44
CA ASP A 161 -0.54 1.04 -9.12
C ASP A 161 0.70 1.17 -8.24
N SER A 162 0.62 0.91 -6.95
CA SER A 162 1.82 1.08 -6.10
C SER A 162 2.31 -0.25 -5.54
N SER A 163 3.61 -0.49 -5.75
CA SER A 163 4.27 -1.73 -5.35
C SER A 163 3.37 -2.91 -5.67
N VAL A 164 2.90 -2.97 -6.91
CA VAL A 164 1.90 -3.96 -7.32
C VAL A 164 2.39 -5.39 -7.07
N LEU A 165 3.54 -5.71 -7.64
CA LEU A 165 4.11 -7.06 -7.48
C LEU A 165 4.46 -7.37 -6.04
N GLU A 166 5.09 -6.40 -5.36
CA GLU A 166 5.60 -6.62 -4.00
C GLU A 166 4.46 -6.87 -2.99
N ASN A 167 3.36 -6.15 -3.15
CA ASN A 167 2.17 -6.41 -2.32
C ASN A 167 1.65 -7.82 -2.58
N HIS A 168 1.63 -8.23 -3.84
CA HIS A 168 1.18 -9.57 -4.21
C HIS A 168 2.08 -10.66 -3.66
N HIS A 169 3.41 -10.48 -3.73
CA HIS A 169 4.35 -11.48 -3.22
C HIS A 169 4.08 -11.70 -1.72
N LEU A 170 3.88 -10.61 -0.98
CA LEU A 170 3.58 -10.69 0.44
C LEU A 170 2.27 -11.42 0.70
N ALA A 171 1.21 -11.05 -0.02
CA ALA A 171 -0.11 -11.63 0.18
C ALA A 171 -0.06 -13.15 0.00
N VAL A 172 0.62 -13.60 -1.05
CA VAL A 172 0.74 -15.02 -1.34
C VAL A 172 1.60 -15.72 -0.28
N GLY A 173 2.74 -15.14 0.07
CA GLY A 173 3.64 -15.73 1.06
C GLY A 173 2.97 -15.97 2.40
N PHE A 174 2.16 -15.01 2.84
CA PHE A 174 1.43 -15.13 4.09
C PHE A 174 0.21 -16.04 3.97
N LYS A 175 -0.50 -15.97 2.85
CA LYS A 175 -1.70 -16.79 2.67
C LYS A 175 -1.38 -18.28 2.71
N LEU A 176 -0.20 -18.67 2.20
CA LEU A 176 0.20 -20.06 2.16
C LEU A 176 0.45 -20.68 3.55
N LEU A 177 0.66 -19.84 4.55
CA LEU A 177 0.83 -20.32 5.92
C LEU A 177 -0.46 -20.97 6.44
N GLN A 178 -1.59 -20.62 5.84
CA GLN A 178 -2.90 -21.15 6.22
C GLN A 178 -3.22 -22.53 5.65
N GLU A 179 -2.42 -23.01 4.70
CA GLU A 179 -2.64 -24.34 4.12
C GLU A 179 -2.35 -25.42 5.18
N GLU A 180 -2.85 -26.63 4.94
CA GLU A 180 -2.69 -27.74 5.88
C GLU A 180 -1.24 -27.98 6.28
N ASN A 181 -0.98 -27.94 7.59
CA ASN A 181 0.35 -28.15 8.16
C ASN A 181 1.43 -27.23 7.57
N CYS A 182 1.08 -25.96 7.37
CA CYS A 182 2.00 -24.98 6.81
C CYS A 182 2.32 -23.80 7.75
N ASP A 183 1.66 -23.70 8.90
CA ASP A 183 1.92 -22.57 9.79
C ASP A 183 3.20 -22.76 10.60
N ILE A 184 4.31 -22.33 10.02
CA ILE A 184 5.62 -22.46 10.66
C ILE A 184 5.76 -21.53 11.88
N PHE A 185 4.85 -20.57 12.02
CA PHE A 185 4.87 -19.63 13.14
C PHE A 185 3.84 -19.97 14.23
N GLN A 186 3.29 -21.18 14.19
CA GLN A 186 2.24 -21.61 15.11
C GLN A 186 2.57 -21.50 16.60
N ASN A 187 3.84 -21.64 16.94
CA ASN A 187 4.28 -21.59 18.34
C ASN A 187 4.90 -20.25 18.77
N LEU A 188 4.79 -19.24 17.92
CA LEU A 188 5.23 -17.90 18.28
C LEU A 188 4.09 -17.28 19.08
N THR A 189 4.42 -16.33 19.95
CA THR A 189 3.40 -15.63 20.72
C THR A 189 2.66 -14.70 19.76
N LYS A 190 1.51 -14.19 20.18
CA LYS A 190 0.74 -13.25 19.37
C LYS A 190 1.60 -12.02 19.06
N LYS A 191 2.33 -11.54 20.07
CA LYS A 191 3.22 -10.38 19.92
C LYS A 191 4.33 -10.64 18.91
N GLN A 192 4.92 -11.83 18.97
CA GLN A 192 6.00 -12.21 18.04
C GLN A 192 5.46 -12.28 16.61
N ARG A 193 4.27 -12.83 16.45
CA ARG A 193 3.64 -12.96 15.15
C ARG A 193 3.35 -11.59 14.54
N GLN A 194 2.84 -10.68 15.35
CA GLN A 194 2.54 -9.32 14.90
C GLN A 194 3.82 -8.59 14.48
N SER A 195 4.87 -8.72 15.28
N SER A 195 4.87 -8.72 15.28
CA SER A 195 6.15 -8.08 15.02
CA SER A 195 6.15 -8.08 15.02
C SER A 195 6.80 -8.62 13.76
C SER A 195 6.80 -8.62 13.76
N LEU A 196 6.81 -9.94 13.62
CA LEU A 196 7.39 -10.58 12.44
C LEU A 196 6.64 -10.18 11.18
N ARG A 197 5.32 -10.18 11.22
CA ARG A 197 4.53 -9.81 10.05
C ARG A 197 4.85 -8.38 9.59
N LYS A 198 4.91 -7.44 10.53
CA LYS A 198 5.22 -6.05 10.22
C LYS A 198 6.59 -5.93 9.59
N MET A 199 7.58 -6.61 10.17
CA MET A 199 8.94 -6.55 9.66
C MET A 199 9.05 -7.11 8.25
N VAL A 200 8.39 -8.23 8.01
CA VAL A 200 8.41 -8.88 6.70
C VAL A 200 7.78 -7.98 5.64
N ILE A 201 6.66 -7.35 5.98
CA ILE A 201 6.01 -6.42 5.05
C ILE A 201 6.94 -5.25 4.74
N ASP A 202 7.52 -4.66 5.79
CA ASP A 202 8.43 -3.53 5.60
C ASP A 202 9.61 -3.89 4.70
N ILE A 203 10.13 -5.11 4.85
CA ILE A 203 11.27 -5.56 4.07
C ILE A 203 10.92 -5.83 2.60
N VAL A 204 9.85 -6.60 2.36
CA VAL A 204 9.49 -6.93 0.99
C VAL A 204 9.04 -5.70 0.19
N LEU A 205 8.28 -4.80 0.81
CA LEU A 205 7.88 -3.58 0.10
C LEU A 205 9.11 -2.76 -0.31
N ALA A 206 10.18 -2.84 0.48
CA ALA A 206 11.43 -2.14 0.18
C ALA A 206 12.20 -2.71 -1.02
N THR A 207 11.82 -3.90 -1.51
CA THR A 207 12.47 -4.48 -2.68
C THR A 207 11.97 -3.89 -4.00
N ASP A 208 10.91 -3.10 -3.95
CA ASP A 208 10.38 -2.40 -5.11
C ASP A 208 11.47 -1.42 -5.57
N MET A 209 11.93 -1.57 -6.82
CA MET A 209 13.02 -0.72 -7.32
C MET A 209 12.72 0.79 -7.34
N SER A 210 11.44 1.15 -7.38
CA SER A 210 11.06 2.57 -7.36
C SER A 210 11.43 3.25 -6.03
N LYS A 211 11.73 2.44 -5.00
CA LYS A 211 12.11 2.92 -3.67
C LYS A 211 13.63 2.90 -3.44
N HIS A 212 14.38 2.44 -4.44
CA HIS A 212 15.84 2.31 -4.34
C HIS A 212 16.57 3.60 -3.96
N MET A 213 16.28 4.69 -4.66
CA MET A 213 16.98 5.96 -4.42
C MET A 213 16.75 6.50 -3.01
N ASN A 214 15.52 6.41 -2.53
CA ASN A 214 15.21 6.87 -1.17
C ASN A 214 15.85 5.98 -0.10
N LEU A 215 15.88 4.68 -0.34
CA LEU A 215 16.50 3.73 0.59
C LEU A 215 18.01 3.97 0.68
N LEU A 216 18.63 4.23 -0.47
CA LEU A 216 20.07 4.47 -0.54
C LEU A 216 20.43 5.78 0.14
N ALA A 217 19.58 6.80 -0.02
CA ALA A 217 19.80 8.10 0.60
C ALA A 217 19.81 7.97 2.12
N ASP A 218 18.87 7.18 2.66
CA ASP A 218 18.79 6.97 4.10
C ASP A 218 19.94 6.10 4.63
N LEU A 219 20.42 5.17 3.80
CA LEU A 219 21.55 4.32 4.18
C LEU A 219 22.82 5.17 4.26
N LYS A 220 22.95 6.12 3.33
CA LYS A 220 24.10 7.01 3.30
C LYS A 220 24.11 7.91 4.54
N THR A 221 22.92 8.36 4.94
CA THR A 221 22.77 9.21 6.13
C THR A 221 23.19 8.45 7.39
N MET A 222 22.86 7.16 7.46
CA MET A 222 23.23 6.33 8.60
C MET A 222 24.74 6.11 8.66
N VAL A 223 25.37 5.96 7.49
CA VAL A 223 26.82 5.77 7.40
C VAL A 223 27.55 7.00 7.93
N GLU A 224 27.01 8.18 7.64
CA GLU A 224 27.61 9.45 8.05
C GLU A 224 27.46 9.72 9.55
N THR A 225 26.38 9.20 10.14
CA THR A 225 26.09 9.37 11.57
C THR A 225 26.32 8.07 12.35
N LYS A 226 27.02 7.14 11.70
CA LYS A 226 27.34 5.81 12.23
C LYS A 226 27.87 5.79 13.68
N LYS A 227 27.30 4.91 14.50
CA LYS A 227 27.72 4.71 15.88
C LYS A 227 28.14 3.25 16.03
N VAL A 228 29.37 3.01 16.50
CA VAL A 228 29.87 1.64 16.67
C VAL A 228 30.64 1.43 17.97
N THR A 229 30.84 0.14 18.30
CA THR A 229 31.62 -0.23 19.47
C THR A 229 33.09 -0.13 19.10
N SER A 230 33.97 -0.47 20.04
CA SER A 230 35.42 -0.44 19.78
C SER A 230 35.84 -1.51 18.77
N SER A 231 35.04 -2.57 18.63
CA SER A 231 35.30 -3.65 17.67
C SER A 231 34.70 -3.40 16.29
N GLY A 232 33.89 -2.35 16.17
CA GLY A 232 33.27 -1.98 14.90
C GLY A 232 31.87 -2.52 14.68
N VAL A 233 31.21 -2.94 15.76
CA VAL A 233 29.85 -3.46 15.67
C VAL A 233 28.85 -2.31 15.70
N LEU A 234 27.88 -2.34 14.79
CA LEU A 234 26.85 -1.31 14.69
C LEU A 234 25.92 -1.30 15.90
N LEU A 235 25.58 -0.09 16.35
CA LEU A 235 24.68 0.11 17.47
C LEU A 235 23.39 0.70 16.93
N LEU A 236 22.35 -0.12 16.85
CA LEU A 236 21.03 0.26 16.34
C LEU A 236 20.02 0.03 17.45
N ASP A 237 19.43 1.10 17.99
CA ASP A 237 18.48 0.95 19.08
C ASP A 237 17.00 0.93 18.70
N ASN A 238 16.55 1.93 17.93
CA ASN A 238 15.14 2.01 17.57
C ASN A 238 14.77 1.21 16.34
N TYR A 239 13.47 0.99 16.19
CA TYR A 239 12.94 0.20 15.09
C TYR A 239 13.27 0.80 13.73
N SER A 240 13.16 2.12 13.61
CA SER A 240 13.39 2.81 12.34
C SER A 240 14.78 2.51 11.76
N ASP A 241 15.80 2.50 12.60
CA ASP A 241 17.16 2.24 12.15
C ASP A 241 17.38 0.76 11.90
N ARG A 242 16.84 -0.10 12.76
CA ARG A 242 16.98 -1.55 12.62
C ARG A 242 16.32 -2.05 11.34
N ILE A 243 15.09 -1.62 11.08
CA ILE A 243 14.37 -2.07 9.89
C ILE A 243 15.02 -1.49 8.63
N GLN A 244 15.57 -0.29 8.73
CA GLN A 244 16.24 0.33 7.59
C GLN A 244 17.43 -0.52 7.15
N VAL A 245 18.21 -1.01 8.12
CA VAL A 245 19.35 -1.87 7.80
C VAL A 245 18.89 -3.21 7.23
N LEU A 246 17.82 -3.78 7.76
CA LEU A 246 17.28 -5.04 7.26
C LEU A 246 16.72 -4.86 5.83
N GLN A 247 16.05 -3.73 5.59
CA GLN A 247 15.51 -3.43 4.26
C GLN A 247 16.64 -3.34 3.26
N ASN A 248 17.68 -2.59 3.59
CA ASN A 248 18.82 -2.42 2.70
C ASN A 248 19.60 -3.73 2.52
N MET A 249 19.65 -4.55 3.57
CA MET A 249 20.35 -5.84 3.51
C MET A 249 19.70 -6.76 2.48
N VAL A 250 18.38 -6.91 2.55
CA VAL A 250 17.66 -7.77 1.62
C VAL A 250 17.66 -7.16 0.21
N HIS A 251 17.65 -5.84 0.11
CA HIS A 251 17.73 -5.15 -1.17
C HIS A 251 19.10 -5.43 -1.82
N CYS A 252 20.17 -5.41 -1.01
CA CYS A 252 21.52 -5.74 -1.47
C CYS A 252 21.56 -7.20 -1.94
N ALA A 253 20.96 -8.10 -1.17
CA ALA A 253 20.88 -9.52 -1.54
C ALA A 253 20.15 -9.69 -2.87
N ASP A 254 19.07 -8.96 -3.05
CA ASP A 254 18.28 -8.98 -4.27
C ASP A 254 19.13 -8.50 -5.46
N LEU A 255 19.99 -7.53 -5.20
CA LEU A 255 20.87 -6.94 -6.22
C LEU A 255 22.32 -7.42 -6.06
N SER A 256 22.49 -8.70 -5.70
CA SER A 256 23.81 -9.27 -5.46
C SER A 256 24.42 -10.03 -6.63
N ASN A 257 23.66 -10.29 -7.70
CA ASN A 257 24.20 -11.08 -8.82
C ASN A 257 25.55 -10.55 -9.34
N PRO A 258 25.68 -9.25 -9.62
CA PRO A 258 26.96 -8.73 -10.12
C PRO A 258 28.15 -8.81 -9.16
N THR A 259 27.90 -9.14 -7.88
CA THR A 259 28.96 -9.28 -6.88
C THR A 259 29.39 -10.74 -6.66
N LYS A 260 28.79 -11.67 -7.40
CA LYS A 260 29.09 -13.09 -7.28
C LYS A 260 30.15 -13.50 -8.30
N PRO A 261 30.80 -14.63 -8.10
CA PRO A 261 31.78 -15.13 -9.08
C PRO A 261 31.20 -14.98 -10.49
N LEU A 262 32.03 -14.56 -11.44
CA LEU A 262 31.58 -14.30 -12.80
C LEU A 262 30.72 -15.39 -13.45
N GLN A 263 31.08 -16.66 -13.24
CA GLN A 263 30.31 -17.76 -13.85
C GLN A 263 28.85 -17.72 -13.40
N LEU A 264 28.61 -17.40 -12.13
CA LEU A 264 27.24 -17.30 -11.62
C LEU A 264 26.56 -16.04 -12.17
N TYR A 265 27.26 -14.91 -12.10
CA TYR A 265 26.72 -13.64 -12.59
C TYR A 265 26.28 -13.74 -14.06
N ARG A 266 27.10 -14.35 -14.90
CA ARG A 266 26.76 -14.49 -16.31
C ARG A 266 25.49 -15.32 -16.51
N GLN A 267 25.32 -16.36 -15.70
CA GLN A 267 24.10 -17.17 -15.77
C GLN A 267 22.88 -16.34 -15.37
N TRP A 268 23.00 -15.51 -14.35
CA TRP A 268 21.89 -14.65 -13.92
C TRP A 268 21.56 -13.64 -15.02
N THR A 269 22.58 -13.13 -15.70
CA THR A 269 22.38 -12.16 -16.78
C THR A 269 21.62 -12.82 -17.93
N ASP A 270 22.01 -14.02 -18.33
CA ASP A 270 21.33 -14.74 -19.40
C ASP A 270 19.85 -14.91 -19.05
N ARG A 271 19.58 -15.20 -17.79
CA ARG A 271 18.21 -15.44 -17.33
C ARG A 271 17.37 -14.18 -17.32
N ILE A 272 17.87 -13.07 -16.78
CA ILE A 272 17.08 -11.85 -16.75
C ILE A 272 16.85 -11.32 -18.17
N MET A 273 17.85 -11.48 -19.05
CA MET A 273 17.68 -11.01 -20.43
C MET A 273 16.59 -11.83 -21.13
N GLU A 274 16.53 -13.14 -20.88
CA GLU A 274 15.49 -13.99 -21.45
C GLU A 274 14.11 -13.50 -20.98
N GLU A 275 13.98 -13.26 -19.68
CA GLU A 275 12.73 -12.79 -19.12
C GLU A 275 12.34 -11.42 -19.69
N PHE A 276 13.29 -10.50 -19.73
CA PHE A 276 13.08 -9.16 -20.28
C PHE A 276 12.66 -9.22 -21.76
N PHE A 277 13.34 -10.03 -22.55
CA PHE A 277 13.02 -10.14 -23.97
C PHE A 277 11.61 -10.67 -24.19
N ARG A 278 11.17 -11.58 -23.33
CA ARG A 278 9.81 -12.12 -23.42
C ARG A 278 8.79 -11.03 -23.11
N GLN A 279 9.10 -10.16 -22.15
CA GLN A 279 8.21 -9.03 -21.86
C GLN A 279 8.17 -8.10 -23.07
N GLY A 280 9.33 -7.84 -23.67
CA GLY A 280 9.42 -6.96 -24.83
C GLY A 280 8.67 -7.52 -26.02
N ASP A 281 8.59 -8.84 -26.14
CA ASP A 281 7.87 -9.47 -27.24
C ASP A 281 6.38 -9.21 -27.06
N ARG A 282 5.91 -9.26 -25.81
CA ARG A 282 4.51 -8.98 -25.49
C ARG A 282 4.19 -7.51 -25.76
N GLU A 283 5.11 -6.62 -25.41
CA GLU A 283 4.92 -5.19 -25.64
C GLU A 283 4.88 -4.86 -27.14
N ARG A 284 5.84 -5.41 -27.89
CA ARG A 284 5.91 -5.16 -29.34
C ARG A 284 4.63 -5.56 -30.05
N GLU A 285 4.08 -6.72 -29.72
CA GLU A 285 2.87 -7.21 -30.38
C GLU A 285 1.62 -6.43 -29.99
N ARG A 286 1.61 -5.85 -28.78
CA ARG A 286 0.49 -5.04 -28.31
C ARG A 286 0.57 -3.59 -28.82
N GLY A 287 1.66 -3.24 -29.50
CA GLY A 287 1.86 -1.90 -30.00
C GLY A 287 2.34 -0.94 -28.92
N MET A 288 2.91 -1.49 -27.85
CA MET A 288 3.42 -0.70 -26.74
C MET A 288 4.88 -0.36 -26.98
N GLU A 289 5.35 0.71 -26.35
CA GLU A 289 6.77 1.07 -26.42
C GLU A 289 7.51 -0.02 -25.65
N ILE A 290 8.59 -0.53 -26.24
CA ILE A 290 9.36 -1.60 -25.61
C ILE A 290 10.20 -1.03 -24.46
N SER A 291 10.08 -1.64 -23.29
CA SER A 291 10.78 -1.18 -22.09
C SER A 291 12.29 -1.31 -22.25
N PRO A 292 13.05 -0.55 -21.47
CA PRO A 292 14.52 -0.61 -21.52
C PRO A 292 15.04 -2.05 -21.33
N MET A 293 16.01 -2.45 -22.14
CA MET A 293 16.62 -3.79 -22.09
C MET A 293 15.71 -4.96 -22.52
N CYS A 294 14.51 -4.67 -23.03
CA CYS A 294 13.56 -5.73 -23.40
C CYS A 294 13.40 -5.98 -24.90
N ASP A 295 14.14 -5.24 -25.72
CA ASP A 295 14.06 -5.40 -27.17
C ASP A 295 15.20 -6.29 -27.68
N LYS A 296 14.89 -7.56 -27.94
CA LYS A 296 15.89 -8.52 -28.42
C LYS A 296 16.55 -8.13 -29.76
N HIS A 297 15.88 -7.28 -30.53
CA HIS A 297 16.41 -6.82 -31.82
C HIS A 297 17.27 -5.55 -31.72
N ASN A 298 17.25 -4.88 -30.56
CA ASN A 298 18.05 -3.67 -30.32
C ASN A 298 18.64 -3.66 -28.91
N ALA A 299 19.32 -4.74 -28.56
CA ALA A 299 19.89 -4.90 -27.22
C ALA A 299 21.41 -4.69 -27.20
N SER A 300 21.89 -4.26 -26.04
CA SER A 300 23.32 -4.07 -25.77
C SER A 300 23.50 -4.60 -24.35
N VAL A 301 23.50 -5.94 -24.23
CA VAL A 301 23.55 -6.62 -22.94
C VAL A 301 24.72 -6.21 -22.06
N GLU A 302 25.90 -6.11 -22.68
CA GLU A 302 27.12 -5.81 -21.95
C GLU A 302 27.13 -4.36 -21.48
N LYS A 303 26.75 -3.44 -22.37
CA LYS A 303 26.66 -2.04 -22.00
C LYS A 303 25.63 -1.84 -20.89
N SER A 304 24.53 -2.60 -20.95
CA SER A 304 23.48 -2.50 -19.93
C SER A 304 23.96 -2.97 -18.57
N GLN A 305 24.82 -3.99 -18.55
CA GLN A 305 25.35 -4.49 -17.28
C GLN A 305 26.31 -3.47 -16.66
N VAL A 306 27.17 -2.88 -17.48
CA VAL A 306 28.10 -1.86 -16.97
C VAL A 306 27.30 -0.67 -16.44
N GLY A 307 26.24 -0.25 -17.14
CA GLY A 307 25.39 0.83 -16.70
C GLY A 307 24.65 0.52 -15.41
N PHE A 308 24.16 -0.71 -15.28
N PHE A 308 24.19 -0.72 -15.30
CA PHE A 308 23.45 -1.08 -14.07
CA PHE A 308 23.47 -1.24 -14.13
C PHE A 308 24.40 -1.11 -12.88
C PHE A 308 24.38 -1.16 -12.91
N ILE A 309 25.62 -1.58 -13.08
CA ILE A 309 26.60 -1.58 -12.00
C ILE A 309 26.98 -0.14 -11.62
N ASP A 310 27.27 0.69 -12.61
CA ASP A 310 27.70 2.07 -12.34
C ASP A 310 26.67 2.95 -11.66
N TYR A 311 25.40 2.80 -12.05
CA TYR A 311 24.34 3.67 -11.57
C TYR A 311 23.50 3.15 -10.42
N ILE A 312 23.45 1.83 -10.22
CA ILE A 312 22.62 1.22 -9.19
C ILE A 312 23.37 0.31 -8.21
N VAL A 313 24.00 -0.73 -8.74
CA VAL A 313 24.59 -1.78 -7.90
C VAL A 313 25.85 -1.33 -7.15
N HIS A 314 26.77 -0.66 -7.82
CA HIS A 314 27.98 -0.18 -7.13
C HIS A 314 27.66 0.90 -6.10
N PRO A 315 26.87 1.93 -6.43
CA PRO A 315 26.52 2.93 -5.40
C PRO A 315 25.92 2.28 -4.15
N LEU A 316 25.04 1.30 -4.33
CA LEU A 316 24.43 0.60 -3.21
C LEU A 316 25.45 -0.19 -2.40
N TRP A 317 26.23 -1.04 -3.06
CA TRP A 317 27.20 -1.90 -2.39
C TRP A 317 28.37 -1.15 -1.76
N GLU A 318 28.76 -0.02 -2.36
CA GLU A 318 29.84 0.79 -1.80
C GLU A 318 29.37 1.40 -0.50
N THR A 319 28.09 1.79 -0.45
CA THR A 319 27.49 2.36 0.74
C THR A 319 27.33 1.30 1.83
N TRP A 320 26.88 0.11 1.44
CA TRP A 320 26.76 -1.01 2.37
C TRP A 320 28.16 -1.32 2.93
N ALA A 321 29.16 -1.33 2.05
CA ALA A 321 30.55 -1.61 2.44
C ALA A 321 31.05 -0.64 3.49
N ASP A 322 30.67 0.64 3.35
N ASP A 322 30.65 0.62 3.35
CA ASP A 322 31.06 1.66 4.32
CA ASP A 322 31.04 1.67 4.29
C ASP A 322 30.40 1.42 5.67
C ASP A 322 30.38 1.44 5.65
N LEU A 323 29.14 0.96 5.65
CA LEU A 323 28.40 0.67 6.88
C LEU A 323 29.06 -0.42 7.72
N VAL A 324 29.49 -1.50 7.06
CA VAL A 324 30.11 -2.64 7.74
C VAL A 324 31.63 -2.75 7.51
N HIS A 325 32.26 -1.64 7.14
CA HIS A 325 33.69 -1.61 6.82
C HIS A 325 34.56 -2.34 7.86
N PRO A 326 35.48 -3.22 7.44
CA PRO A 326 35.77 -3.56 6.04
C PRO A 326 35.24 -4.95 5.64
N ASP A 327 34.20 -5.43 6.30
CA ASP A 327 33.71 -6.79 6.08
C ASP A 327 33.23 -7.14 4.67
N ALA A 328 32.75 -6.16 3.92
CA ALA A 328 32.25 -6.41 2.57
C ALA A 328 33.27 -6.11 1.46
N GLN A 329 34.54 -5.97 1.82
CA GLN A 329 35.58 -5.65 0.84
C GLN A 329 35.71 -6.70 -0.27
N ASP A 330 35.63 -7.98 0.08
CA ASP A 330 35.74 -9.04 -0.91
C ASP A 330 34.57 -9.03 -1.90
N ILE A 331 33.38 -8.68 -1.42
CA ILE A 331 32.19 -8.59 -2.28
C ILE A 331 32.35 -7.42 -3.26
N LEU A 332 32.81 -6.28 -2.75
CA LEU A 332 33.01 -5.09 -3.57
C LEU A 332 34.11 -5.34 -4.60
N ASP A 333 35.15 -6.08 -4.20
CA ASP A 333 36.25 -6.42 -5.09
C ASP A 333 35.74 -7.24 -6.27
N THR A 334 34.88 -8.21 -5.98
CA THR A 334 34.32 -9.07 -7.02
C THR A 334 33.45 -8.27 -7.97
N LEU A 335 32.66 -7.35 -7.43
CA LEU A 335 31.81 -6.48 -8.24
C LEU A 335 32.65 -5.67 -9.22
N GLU A 336 33.74 -5.09 -8.72
CA GLU A 336 34.61 -4.29 -9.56
C GLU A 336 35.32 -5.15 -10.61
N ASP A 337 35.69 -6.39 -10.26
CA ASP A 337 36.33 -7.32 -11.20
C ASP A 337 35.35 -7.63 -12.33
N ASN A 338 34.09 -7.85 -11.99
CA ASN A 338 33.07 -8.20 -12.96
C ASN A 338 32.72 -7.03 -13.87
N ARG A 339 32.69 -5.82 -13.32
CA ARG A 339 32.44 -4.63 -14.12
C ARG A 339 33.56 -4.46 -15.14
N GLU A 340 34.80 -4.67 -14.71
CA GLU A 340 35.95 -4.56 -15.58
C GLU A 340 35.88 -5.58 -16.72
N TRP A 341 35.47 -6.81 -16.40
CA TRP A 341 35.37 -7.86 -17.41
C TRP A 341 34.27 -7.53 -18.42
N TYR A 342 33.07 -7.19 -17.93
CA TYR A 342 31.98 -6.84 -18.85
C TYR A 342 32.38 -5.66 -19.75
N GLN A 343 33.07 -4.66 -19.20
CA GLN A 343 33.50 -3.52 -19.99
C GLN A 343 34.49 -3.96 -21.09
N SER A 344 35.35 -4.92 -20.79
CA SER A 344 36.31 -5.41 -21.77
C SER A 344 35.65 -6.14 -22.95
N THR A 345 34.42 -6.62 -22.76
CA THR A 345 33.71 -7.27 -23.86
C THR A 345 33.08 -6.26 -24.83
N ILE A 346 33.12 -4.97 -24.47
CA ILE A 346 32.62 -3.91 -25.34
C ILE A 346 33.78 -3.37 -26.19
N PRO A 347 33.70 -3.53 -27.52
CA PRO A 347 34.79 -3.06 -28.39
C PRO A 347 34.99 -1.54 -28.36
N THR B 22 -44.84 12.50 -10.53
CA THR B 22 -45.59 12.10 -9.31
C THR B 22 -45.33 13.07 -8.16
N GLU B 23 -46.12 12.93 -7.08
CA GLU B 23 -45.98 13.78 -5.91
C GLU B 23 -44.65 13.56 -5.19
N GLN B 24 -44.18 12.31 -5.17
CA GLN B 24 -42.91 11.97 -4.53
C GLN B 24 -41.72 12.58 -5.26
N GLU B 25 -41.78 12.58 -6.59
CA GLU B 25 -40.72 13.15 -7.42
C GLU B 25 -40.64 14.67 -7.25
N ASP B 26 -41.79 15.31 -7.06
CA ASP B 26 -41.84 16.76 -6.85
C ASP B 26 -41.20 17.13 -5.51
N VAL B 27 -41.46 16.33 -4.48
CA VAL B 27 -40.90 16.58 -3.15
C VAL B 27 -39.39 16.32 -3.16
N LEU B 28 -38.97 15.30 -3.90
CA LEU B 28 -37.54 15.00 -4.05
C LEU B 28 -36.84 16.16 -4.75
N ALA B 29 -37.46 16.69 -5.79
CA ALA B 29 -36.90 17.81 -6.54
C ALA B 29 -36.75 19.04 -5.65
N LYS B 30 -37.75 19.28 -4.79
CA LYS B 30 -37.73 20.41 -3.87
C LYS B 30 -36.55 20.31 -2.89
N GLU B 31 -36.34 19.13 -2.34
CA GLU B 31 -35.25 18.91 -1.39
C GLU B 31 -33.90 19.09 -2.10
N LEU B 32 -33.82 18.68 -3.38
CA LEU B 32 -32.57 18.79 -4.14
C LEU B 32 -32.20 20.24 -4.49
N GLU B 33 -33.14 21.17 -4.31
CA GLU B 33 -32.86 22.59 -4.52
C GLU B 33 -31.78 23.10 -3.57
N ASP B 34 -31.59 22.41 -2.45
CA ASP B 34 -30.58 22.76 -1.43
C ASP B 34 -29.23 22.09 -1.66
N VAL B 35 -28.98 21.55 -2.85
CA VAL B 35 -27.73 20.81 -3.10
C VAL B 35 -26.44 21.63 -2.90
N ASN B 36 -26.52 22.95 -3.04
CA ASN B 36 -25.36 23.82 -2.84
C ASN B 36 -25.23 24.35 -1.41
N LYS B 37 -26.04 23.83 -0.48
CA LYS B 37 -26.05 24.31 0.89
C LYS B 37 -25.61 23.28 1.93
N TRP B 38 -24.88 23.77 2.93
CA TRP B 38 -24.47 22.96 4.07
C TRP B 38 -25.74 22.70 4.89
N GLY B 39 -26.04 21.44 5.14
CA GLY B 39 -27.23 21.08 5.89
C GLY B 39 -28.35 20.47 5.05
N LEU B 40 -28.04 20.12 3.80
CA LEU B 40 -28.99 19.43 2.93
C LEU B 40 -29.68 18.29 3.69
N HIS B 41 -30.96 18.09 3.44
CA HIS B 41 -31.73 17.02 4.08
C HIS B 41 -31.44 15.69 3.39
N VAL B 42 -30.24 15.17 3.63
CA VAL B 42 -29.78 13.97 2.94
C VAL B 42 -30.56 12.69 3.27
N PHE B 43 -31.04 12.55 4.50
CA PHE B 43 -31.81 11.36 4.88
C PHE B 43 -33.17 11.37 4.20
N ARG B 44 -33.79 12.54 4.10
CA ARG B 44 -35.06 12.65 3.41
C ARG B 44 -34.87 12.30 1.93
N ILE B 45 -33.79 12.78 1.35
CA ILE B 45 -33.48 12.50 -0.07
C ILE B 45 -33.27 11.01 -0.27
N ALA B 46 -32.64 10.34 0.69
CA ALA B 46 -32.45 8.89 0.60
C ALA B 46 -33.80 8.19 0.51
N GLU B 47 -34.76 8.60 1.35
CA GLU B 47 -36.09 7.99 1.33
C GLU B 47 -36.89 8.37 0.08
N LEU B 48 -36.89 9.65 -0.28
CA LEU B 48 -37.68 10.14 -1.42
C LEU B 48 -37.21 9.59 -2.76
N SER B 49 -35.93 9.25 -2.85
CA SER B 49 -35.34 8.73 -4.08
C SER B 49 -35.41 7.20 -4.19
N GLY B 50 -36.08 6.54 -3.24
CA GLY B 50 -36.16 5.08 -3.23
C GLY B 50 -34.80 4.46 -2.93
N ASN B 51 -34.14 4.98 -1.91
CA ASN B 51 -32.81 4.56 -1.51
C ASN B 51 -31.75 4.73 -2.59
N ARG B 52 -31.84 5.85 -3.31
CA ARG B 52 -30.84 6.20 -4.31
C ARG B 52 -30.23 7.58 -4.06
N PRO B 53 -29.85 7.91 -2.82
CA PRO B 53 -29.29 9.24 -2.55
C PRO B 53 -27.98 9.52 -3.31
N LEU B 54 -27.11 8.51 -3.40
CA LEU B 54 -25.83 8.71 -4.09
C LEU B 54 -26.05 9.00 -5.58
N THR B 55 -26.93 8.23 -6.22
CA THR B 55 -27.22 8.41 -7.63
C THR B 55 -27.83 9.78 -7.92
N VAL B 56 -28.87 10.17 -7.17
CA VAL B 56 -29.54 11.44 -7.47
C VAL B 56 -28.71 12.66 -7.09
N ILE B 57 -27.94 12.57 -6.00
CA ILE B 57 -27.10 13.71 -5.59
C ILE B 57 -25.92 13.86 -6.56
N MET B 58 -25.30 12.76 -6.98
CA MET B 58 -24.21 12.83 -7.96
C MET B 58 -24.72 13.38 -9.30
N HIS B 59 -25.86 12.89 -9.75
CA HIS B 59 -26.42 13.36 -11.01
C HIS B 59 -26.71 14.86 -10.95
N THR B 60 -27.33 15.30 -9.85
CA THR B 60 -27.66 16.71 -9.66
C THR B 60 -26.40 17.58 -9.68
N ILE B 61 -25.35 17.15 -8.99
CA ILE B 61 -24.10 17.90 -8.93
C ILE B 61 -23.39 17.92 -10.28
N PHE B 62 -23.39 16.80 -11.00
CA PHE B 62 -22.79 16.76 -12.34
C PHE B 62 -23.50 17.73 -13.28
N GLN B 63 -24.82 17.84 -13.17
CA GLN B 63 -25.60 18.74 -14.01
C GLN B 63 -25.32 20.20 -13.60
N GLU B 64 -25.26 20.45 -12.30
CA GLU B 64 -25.02 21.79 -11.76
C GLU B 64 -23.64 22.33 -12.19
N ARG B 65 -22.65 21.46 -12.22
CA ARG B 65 -21.28 21.83 -12.60
C ARG B 65 -21.01 21.65 -14.10
N ASP B 66 -22.02 21.23 -14.85
CA ASP B 66 -21.92 21.01 -16.30
C ASP B 66 -20.84 19.99 -16.67
N LEU B 67 -20.62 19.02 -15.78
CA LEU B 67 -19.59 17.99 -16.00
C LEU B 67 -19.91 17.02 -17.11
N LEU B 68 -21.20 16.78 -17.40
CA LEU B 68 -21.57 15.86 -18.48
C LEU B 68 -21.14 16.44 -19.83
N LYS B 69 -21.35 17.73 -20.04
CA LYS B 69 -20.96 18.37 -21.29
C LYS B 69 -19.44 18.51 -21.37
N THR B 70 -18.81 18.96 -20.28
CA THR B 70 -17.38 19.17 -20.25
C THR B 70 -16.57 17.91 -20.58
N PHE B 71 -16.97 16.79 -20.00
CA PHE B 71 -16.25 15.53 -20.20
C PHE B 71 -16.96 14.52 -21.13
N LYS B 72 -17.95 15.02 -21.87
CA LYS B 72 -18.71 14.20 -22.81
C LYS B 72 -19.19 12.88 -22.21
N ILE B 73 -19.79 12.96 -21.03
CA ILE B 73 -20.29 11.78 -20.34
C ILE B 73 -21.73 11.54 -20.76
N PRO B 74 -22.03 10.40 -21.41
CA PRO B 74 -23.42 10.10 -21.77
C PRO B 74 -24.25 9.97 -20.48
N VAL B 75 -25.43 10.58 -20.46
CA VAL B 75 -26.26 10.56 -19.25
C VAL B 75 -26.62 9.14 -18.79
N ASP B 76 -26.95 8.26 -19.73
CA ASP B 76 -27.31 6.88 -19.37
C ASP B 76 -26.12 6.13 -18.79
N THR B 77 -24.91 6.45 -19.24
CA THR B 77 -23.69 5.86 -18.72
C THR B 77 -23.46 6.32 -17.28
N LEU B 78 -23.65 7.60 -17.02
CA LEU B 78 -23.49 8.15 -15.68
C LEU B 78 -24.47 7.48 -14.72
N ILE B 79 -25.74 7.39 -15.11
CA ILE B 79 -26.74 6.80 -14.23
C ILE B 79 -26.48 5.30 -14.00
N THR B 80 -26.06 4.59 -15.04
CA THR B 80 -25.78 3.17 -14.91
C THR B 80 -24.61 2.94 -13.93
N TYR B 81 -23.54 3.71 -14.08
CA TYR B 81 -22.40 3.58 -13.19
C TYR B 81 -22.79 3.92 -11.76
N LEU B 82 -23.51 5.03 -11.57
CA LEU B 82 -23.91 5.47 -10.25
C LEU B 82 -24.76 4.44 -9.51
N MET B 83 -25.73 3.85 -10.21
N MET B 83 -25.72 3.84 -10.22
CA MET B 83 -26.58 2.84 -9.60
CA MET B 83 -26.59 2.84 -9.61
C MET B 83 -25.77 1.60 -9.24
C MET B 83 -25.79 1.60 -9.26
N THR B 84 -24.83 1.24 -10.11
CA THR B 84 -23.97 0.08 -9.87
C THR B 84 -23.09 0.33 -8.65
N LEU B 85 -22.48 1.51 -8.60
CA LEU B 85 -21.66 1.92 -7.46
C LEU B 85 -22.47 1.90 -6.17
N GLU B 86 -23.65 2.52 -6.20
CA GLU B 86 -24.52 2.59 -5.04
C GLU B 86 -24.90 1.20 -4.53
N ASP B 87 -25.14 0.26 -5.45
CA ASP B 87 -25.49 -1.12 -5.09
C ASP B 87 -24.37 -1.80 -4.31
N HIS B 88 -23.13 -1.34 -4.48
CA HIS B 88 -21.99 -1.94 -3.78
C HIS B 88 -21.71 -1.37 -2.38
N TYR B 89 -22.52 -0.39 -1.97
CA TYR B 89 -22.54 0.03 -0.57
C TYR B 89 -23.52 -0.95 0.09
N HIS B 90 -23.25 -1.30 1.34
CA HIS B 90 -24.03 -2.31 2.05
C HIS B 90 -25.27 -1.72 2.72
N ALA B 91 -26.44 -2.29 2.41
CA ALA B 91 -27.70 -1.82 2.99
C ALA B 91 -27.80 -2.01 4.49
N ASP B 92 -27.08 -3.00 5.03
CA ASP B 92 -27.14 -3.33 6.46
C ASP B 92 -26.01 -2.78 7.34
N VAL B 93 -25.24 -1.83 6.81
CA VAL B 93 -24.18 -1.16 7.56
C VAL B 93 -24.81 0.20 7.92
N ALA B 94 -24.90 0.50 9.20
CA ALA B 94 -25.64 1.68 9.67
C ALA B 94 -25.05 3.03 9.30
N TYR B 95 -23.72 3.14 9.27
CA TYR B 95 -23.08 4.41 8.96
C TYR B 95 -22.40 4.42 7.58
N HIS B 96 -21.49 3.49 7.34
CA HIS B 96 -20.68 3.48 6.10
C HIS B 96 -21.43 2.87 4.93
N ASN B 97 -22.49 3.56 4.54
CA ASN B 97 -23.40 3.14 3.48
C ASN B 97 -23.52 4.24 2.41
N ASN B 98 -24.46 4.03 1.49
CA ASN B 98 -24.70 4.97 0.40
C ASN B 98 -25.13 6.37 0.83
N ILE B 99 -25.77 6.50 1.99
CA ILE B 99 -26.17 7.81 2.48
C ILE B 99 -24.93 8.60 2.90
N HIS B 100 -24.00 7.94 3.58
CA HIS B 100 -22.73 8.58 3.95
C HIS B 100 -21.97 8.98 2.69
N ALA B 101 -21.94 8.12 1.68
CA ALA B 101 -21.24 8.45 0.43
C ALA B 101 -21.86 9.69 -0.20
N ALA B 102 -23.18 9.73 -0.25
CA ALA B 102 -23.89 10.87 -0.84
C ALA B 102 -23.61 12.15 -0.07
N ASP B 103 -23.53 12.04 1.26
CA ASP B 103 -23.27 13.17 2.13
C ASP B 103 -21.85 13.70 1.92
N VAL B 104 -20.87 12.81 1.79
CA VAL B 104 -19.49 13.24 1.58
C VAL B 104 -19.35 13.91 0.19
N VAL B 105 -20.00 13.34 -0.82
CA VAL B 105 -20.03 13.93 -2.16
C VAL B 105 -20.57 15.36 -2.08
N GLN B 106 -21.73 15.52 -1.47
CA GLN B 106 -22.38 16.83 -1.41
C GLN B 106 -21.58 17.84 -0.58
N SER B 107 -20.96 17.36 0.49
CA SER B 107 -20.14 18.21 1.36
C SER B 107 -18.89 18.68 0.61
N THR B 108 -18.24 17.77 -0.12
CA THR B 108 -17.11 18.14 -0.97
C THR B 108 -17.54 19.17 -2.02
N HIS B 109 -18.70 18.96 -2.62
CA HIS B 109 -19.23 19.88 -3.63
C HIS B 109 -19.38 21.29 -3.07
N VAL B 110 -19.85 21.41 -1.82
CA VAL B 110 -19.98 22.73 -1.20
C VAL B 110 -18.60 23.33 -0.89
N LEU B 111 -17.67 22.52 -0.37
CA LEU B 111 -16.33 23.01 -0.06
C LEU B 111 -15.58 23.48 -1.32
N LEU B 112 -15.81 22.81 -2.44
CA LEU B 112 -15.18 23.19 -3.71
C LEU B 112 -15.63 24.56 -4.18
N SER B 113 -16.85 24.95 -3.80
CA SER B 113 -17.42 26.24 -4.20
C SER B 113 -17.06 27.42 -3.29
N THR B 114 -16.23 27.18 -2.28
CA THR B 114 -15.88 28.24 -1.35
C THR B 114 -15.19 29.40 -2.08
N PRO B 115 -15.57 30.65 -1.78
CA PRO B 115 -14.99 31.83 -2.45
C PRO B 115 -13.46 31.85 -2.51
N ALA B 116 -12.79 31.43 -1.45
CA ALA B 116 -11.34 31.42 -1.38
C ALA B 116 -10.68 30.49 -2.40
N LEU B 117 -11.43 29.55 -2.95
CA LEU B 117 -10.91 28.62 -3.96
C LEU B 117 -11.46 28.86 -5.36
N GLU B 118 -12.11 30.01 -5.59
CA GLU B 118 -12.69 30.30 -6.90
C GLU B 118 -11.63 30.29 -8.01
N ALA B 119 -11.90 29.50 -9.05
CA ALA B 119 -11.01 29.38 -10.21
C ALA B 119 -9.65 28.72 -9.92
N VAL B 120 -9.49 28.12 -8.74
CA VAL B 120 -8.22 27.51 -8.35
C VAL B 120 -8.02 26.14 -9.00
N PHE B 121 -9.03 25.29 -8.94
CA PHE B 121 -8.93 23.94 -9.48
C PHE B 121 -9.47 23.79 -10.90
N THR B 122 -8.86 22.88 -11.65
CA THR B 122 -9.29 22.58 -13.02
C THR B 122 -10.52 21.71 -12.96
N ASP B 123 -11.19 21.58 -14.10
CA ASP B 123 -12.37 20.73 -14.20
C ASP B 123 -12.03 19.28 -13.88
N LEU B 124 -10.84 18.83 -14.30
CA LEU B 124 -10.41 17.46 -14.05
C LEU B 124 -10.16 17.24 -12.55
N GLU B 125 -9.63 18.25 -11.87
CA GLU B 125 -9.40 18.16 -10.43
C GLU B 125 -10.73 18.12 -9.66
N ILE B 126 -11.69 18.92 -10.12
CA ILE B 126 -13.03 18.96 -9.53
C ILE B 126 -13.69 17.59 -9.70
N LEU B 127 -13.61 17.04 -10.92
CA LEU B 127 -14.16 15.73 -11.22
C LEU B 127 -13.51 14.67 -10.32
N ALA B 128 -12.20 14.75 -10.17
CA ALA B 128 -11.47 13.81 -9.33
C ALA B 128 -11.93 13.82 -7.88
N ALA B 129 -12.09 15.01 -7.31
CA ALA B 129 -12.50 15.14 -5.91
C ALA B 129 -13.93 14.62 -5.67
N ILE B 130 -14.83 14.89 -6.61
CA ILE B 130 -16.21 14.45 -6.49
C ILE B 130 -16.31 12.94 -6.70
N PHE B 131 -15.62 12.42 -7.71
CA PHE B 131 -15.62 10.98 -7.96
C PHE B 131 -15.00 10.24 -6.76
N ALA B 132 -13.89 10.74 -6.25
CA ALA B 132 -13.23 10.15 -5.10
C ALA B 132 -14.20 10.09 -3.93
N SER B 133 -14.94 11.17 -3.68
CA SER B 133 -15.90 11.22 -2.60
C SER B 133 -16.98 10.15 -2.77
N ALA B 134 -17.44 9.94 -4.00
CA ALA B 134 -18.50 8.98 -4.27
C ALA B 134 -18.11 7.54 -4.00
N ILE B 135 -16.86 7.18 -4.34
CA ILE B 135 -16.39 5.81 -4.17
C ILE B 135 -15.63 5.56 -2.87
N HIS B 136 -15.43 6.60 -2.07
CA HIS B 136 -14.45 6.50 -0.97
C HIS B 136 -14.66 5.44 0.10
N ASP B 137 -15.90 4.97 0.28
CA ASP B 137 -16.20 3.92 1.26
C ASP B 137 -16.95 2.74 0.65
N VAL B 138 -16.89 2.58 -0.67
CA VAL B 138 -17.68 1.53 -1.32
C VAL B 138 -17.29 0.11 -0.84
N ASP B 139 -18.30 -0.72 -0.62
CA ASP B 139 -18.13 -2.10 -0.15
C ASP B 139 -17.54 -2.17 1.27
N HIS B 140 -17.81 -1.13 2.08
CA HIS B 140 -17.37 -1.10 3.47
C HIS B 140 -18.14 -2.17 4.24
N PRO B 141 -17.46 -3.06 4.96
CA PRO B 141 -18.13 -4.12 5.73
C PRO B 141 -18.68 -3.73 7.10
N GLY B 142 -18.45 -2.49 7.53
CA GLY B 142 -18.94 -2.03 8.82
C GLY B 142 -18.02 -2.34 9.99
N VAL B 143 -16.76 -2.68 9.69
CA VAL B 143 -15.74 -2.91 10.71
C VAL B 143 -14.47 -2.15 10.31
N SER B 144 -13.66 -1.79 11.30
CA SER B 144 -12.46 -0.98 11.09
C SER B 144 -11.27 -1.73 10.51
N ASN B 145 -10.30 -0.96 10.04
CA ASN B 145 -9.05 -1.53 9.55
C ASN B 145 -8.39 -2.37 10.64
N GLN B 146 -8.40 -1.87 11.88
CA GLN B 146 -7.77 -2.61 12.99
C GLN B 146 -8.48 -3.93 13.25
N PHE B 147 -9.80 -3.95 13.17
CA PHE B 147 -10.56 -5.20 13.33
C PHE B 147 -10.17 -6.18 12.23
N LEU B 148 -10.10 -5.69 10.98
CA LEU B 148 -9.73 -6.54 9.84
C LEU B 148 -8.33 -7.13 10.00
N ILE B 149 -7.40 -6.33 10.54
CA ILE B 149 -6.03 -6.77 10.77
C ILE B 149 -5.97 -7.78 11.92
N ASN B 150 -6.66 -7.48 13.01
CA ASN B 150 -6.66 -8.34 14.20
C ASN B 150 -7.31 -9.70 14.00
N THR B 151 -8.26 -9.78 13.06
CA THR B 151 -8.97 -11.02 12.78
C THR B 151 -8.38 -11.79 11.61
N ASN B 152 -7.23 -11.34 11.11
CA ASN B 152 -6.56 -12.01 9.99
C ASN B 152 -7.50 -12.20 8.79
N SER B 153 -8.27 -11.16 8.51
CA SER B 153 -9.25 -11.15 7.43
C SER B 153 -8.60 -11.26 6.06
N GLU B 154 -9.41 -11.67 5.08
CA GLU B 154 -8.97 -11.76 3.70
C GLU B 154 -8.50 -10.40 3.18
N LEU B 155 -9.20 -9.34 3.57
CA LEU B 155 -8.85 -8.00 3.14
C LEU B 155 -7.48 -7.57 3.67
N ALA B 156 -7.22 -7.83 4.96
CA ALA B 156 -5.93 -7.47 5.56
C ALA B 156 -4.79 -8.28 4.96
N LEU B 157 -5.06 -9.54 4.61
CA LEU B 157 -4.06 -10.40 3.99
C LEU B 157 -3.73 -9.90 2.59
N MET B 158 -4.75 -9.45 1.86
N MET B 158 -4.74 -9.45 1.86
CA MET B 158 -4.58 -8.94 0.51
CA MET B 158 -4.56 -8.95 0.51
C MET B 158 -3.75 -7.66 0.51
C MET B 158 -3.73 -7.66 0.52
N TYR B 159 -4.04 -6.77 1.44
CA TYR B 159 -3.42 -5.45 1.49
C TYR B 159 -2.30 -5.22 2.49
N ASN B 160 -1.81 -6.29 3.11
CA ASN B 160 -0.65 -6.21 4.00
C ASN B 160 -0.81 -5.17 5.11
N ASP B 161 -1.99 -5.17 5.73
CA ASP B 161 -2.35 -4.30 6.86
C ASP B 161 -2.20 -2.79 6.63
N SER B 162 -2.00 -2.38 5.37
N SER B 162 -2.02 -2.38 5.37
CA SER B 162 -1.78 -0.97 5.03
CA SER B 162 -1.76 -0.97 5.02
C SER B 162 -2.97 -0.38 4.29
C SER B 162 -2.94 -0.36 4.27
N SER B 163 -3.62 0.60 4.90
CA SER B 163 -4.80 1.26 4.32
C SER B 163 -5.72 0.20 3.70
N VAL B 164 -6.03 -0.82 4.49
CA VAL B 164 -6.76 -1.98 4.01
C VAL B 164 -8.08 -1.64 3.31
N LEU B 165 -8.96 -0.97 4.04
CA LEU B 165 -10.25 -0.60 3.50
C LEU B 165 -10.14 0.37 2.34
N GLU B 166 -9.27 1.37 2.49
CA GLU B 166 -9.16 2.44 1.52
C GLU B 166 -8.65 1.93 0.15
N ASN B 167 -7.70 1.00 0.18
CA ASN B 167 -7.21 0.36 -1.03
C ASN B 167 -8.35 -0.41 -1.68
N HIS B 168 -9.15 -1.09 -0.87
CA HIS B 168 -10.30 -1.86 -1.38
C HIS B 168 -11.38 -0.96 -2.00
N HIS B 169 -11.69 0.17 -1.35
CA HIS B 169 -12.72 1.08 -1.85
C HIS B 169 -12.30 1.56 -3.24
N LEU B 170 -11.02 1.90 -3.40
CA LEU B 170 -10.50 2.33 -4.70
C LEU B 170 -10.61 1.23 -5.75
N ALA B 171 -10.15 0.03 -5.41
CA ALA B 171 -10.18 -1.09 -6.37
C ALA B 171 -11.59 -1.37 -6.86
N VAL B 172 -12.56 -1.39 -5.95
CA VAL B 172 -13.95 -1.63 -6.32
C VAL B 172 -14.50 -0.47 -7.17
N GLY B 173 -14.27 0.76 -6.71
CA GLY B 173 -14.75 1.93 -7.43
C GLY B 173 -14.28 1.99 -8.87
N PHE B 174 -13.02 1.64 -9.10
CA PHE B 174 -12.46 1.64 -10.44
C PHE B 174 -12.91 0.42 -11.24
N LYS B 175 -12.98 -0.74 -10.59
CA LYS B 175 -13.38 -1.97 -11.26
C LYS B 175 -14.79 -1.86 -11.86
N LEU B 176 -15.68 -1.17 -11.16
CA LEU B 176 -17.06 -1.03 -11.64
C LEU B 176 -17.20 -0.21 -12.92
N LEU B 177 -16.20 0.61 -13.24
CA LEU B 177 -16.20 1.36 -14.49
C LEU B 177 -16.15 0.45 -15.71
N GLN B 178 -15.72 -0.80 -15.52
CA GLN B 178 -15.58 -1.78 -16.59
C GLN B 178 -16.85 -2.58 -16.89
N GLU B 179 -17.91 -2.38 -16.11
CA GLU B 179 -19.18 -3.05 -16.35
C GLU B 179 -19.85 -2.44 -17.58
N GLU B 180 -20.81 -3.14 -18.18
CA GLU B 180 -21.47 -2.66 -19.39
C GLU B 180 -22.10 -1.27 -19.19
N ASN B 181 -21.73 -0.36 -20.08
CA ASN B 181 -22.21 1.02 -20.08
C ASN B 181 -21.95 1.76 -18.77
N CYS B 182 -20.79 1.52 -18.17
CA CYS B 182 -20.42 2.14 -16.90
C CYS B 182 -19.18 3.03 -16.98
N ASP B 183 -18.50 3.09 -18.13
CA ASP B 183 -17.28 3.89 -18.21
C ASP B 183 -17.59 5.37 -18.43
N ILE B 184 -17.78 6.09 -17.33
CA ILE B 184 -18.08 7.52 -17.38
C ILE B 184 -16.90 8.37 -17.87
N PHE B 185 -15.71 7.78 -17.91
CA PHE B 185 -14.51 8.48 -18.38
C PHE B 185 -14.10 8.06 -19.79
N GLN B 186 -15.01 7.41 -20.52
CA GLN B 186 -14.71 6.90 -21.87
C GLN B 186 -14.23 7.94 -22.88
N ASN B 187 -14.67 9.19 -22.72
CA ASN B 187 -14.29 10.26 -23.64
C ASN B 187 -13.17 11.18 -23.15
N LEU B 188 -12.55 10.84 -22.02
CA LEU B 188 -11.38 11.57 -21.54
C LEU B 188 -10.19 11.05 -22.36
N THR B 189 -9.18 11.90 -22.54
CA THR B 189 -7.96 11.50 -23.23
C THR B 189 -7.19 10.56 -22.31
N LYS B 190 -6.24 9.81 -22.86
CA LYS B 190 -5.40 8.90 -22.08
C LYS B 190 -4.68 9.66 -20.96
N LYS B 191 -4.17 10.84 -21.27
CA LYS B 191 -3.48 11.68 -20.30
C LYS B 191 -4.42 12.11 -19.17
N GLN B 192 -5.64 12.47 -19.52
CA GLN B 192 -6.64 12.88 -18.54
C GLN B 192 -7.01 11.71 -17.62
N ARG B 193 -7.16 10.53 -18.21
CA ARG B 193 -7.50 9.33 -17.44
C ARG B 193 -6.38 8.97 -16.47
N GLN B 194 -5.13 9.07 -16.93
CA GLN B 194 -3.97 8.77 -16.09
C GLN B 194 -3.90 9.72 -14.90
N SER B 195 -4.08 11.01 -15.18
N SER B 195 -4.08 11.01 -15.18
CA SER B 195 -4.03 12.05 -14.14
CA SER B 195 -4.03 12.05 -14.15
C SER B 195 -5.17 11.89 -13.14
C SER B 195 -5.16 11.88 -13.15
N LEU B 196 -6.38 11.66 -13.64
CA LEU B 196 -7.54 11.49 -12.75
C LEU B 196 -7.37 10.27 -11.86
N ARG B 197 -6.88 9.16 -12.42
CA ARG B 197 -6.66 7.94 -11.64
C ARG B 197 -5.70 8.21 -10.48
N LYS B 198 -4.58 8.86 -10.78
CA LYS B 198 -3.60 9.16 -9.74
C LYS B 198 -4.18 10.05 -8.65
N MET B 199 -4.91 11.09 -9.03
CA MET B 199 -5.49 12.02 -8.08
C MET B 199 -6.52 11.34 -7.19
N VAL B 200 -7.36 10.48 -7.77
CA VAL B 200 -8.39 9.78 -7.03
C VAL B 200 -7.76 8.84 -5.99
N ILE B 201 -6.71 8.12 -6.40
CA ILE B 201 -6.01 7.22 -5.49
C ILE B 201 -5.42 8.06 -4.33
N ASP B 202 -4.75 9.15 -4.66
CA ASP B 202 -4.14 10.01 -3.64
C ASP B 202 -5.18 10.55 -2.65
N ILE B 203 -6.37 10.87 -3.15
CA ILE B 203 -7.42 11.42 -2.30
C ILE B 203 -8.05 10.36 -1.40
N VAL B 204 -8.43 9.21 -1.96
CA VAL B 204 -9.07 8.18 -1.15
C VAL B 204 -8.11 7.58 -0.11
N LEU B 205 -6.84 7.40 -0.46
CA LEU B 205 -5.89 6.85 0.51
C LEU B 205 -5.74 7.82 1.69
N ALA B 206 -5.91 9.12 1.43
CA ALA B 206 -5.82 10.13 2.49
C ALA B 206 -7.02 10.13 3.46
N THR B 207 -8.07 9.36 3.18
CA THR B 207 -9.21 9.26 4.12
C THR B 207 -8.95 8.25 5.24
N ASP B 208 -7.85 7.48 5.13
CA ASP B 208 -7.44 6.54 6.18
C ASP B 208 -7.11 7.36 7.43
N MET B 209 -7.82 7.12 8.53
CA MET B 209 -7.61 7.92 9.75
C MET B 209 -6.19 7.85 10.30
N SER B 210 -5.45 6.80 9.99
CA SER B 210 -4.07 6.69 10.47
C SER B 210 -3.15 7.76 9.86
N LYS B 211 -3.60 8.38 8.76
CA LYS B 211 -2.87 9.44 8.08
C LYS B 211 -3.31 10.84 8.52
N HIS B 212 -4.32 10.92 9.40
CA HIS B 212 -4.89 12.20 9.82
C HIS B 212 -3.89 13.21 10.38
N MET B 213 -3.05 12.77 11.30
CA MET B 213 -2.10 13.68 11.94
C MET B 213 -1.10 14.27 10.96
N ASN B 214 -0.60 13.45 10.04
CA ASN B 214 0.36 13.93 9.04
C ASN B 214 -0.32 14.87 8.04
N LEU B 215 -1.56 14.53 7.64
CA LEU B 215 -2.33 15.37 6.73
C LEU B 215 -2.58 16.74 7.35
N LEU B 216 -2.96 16.76 8.62
CA LEU B 216 -3.24 17.99 9.34
C LEU B 216 -1.98 18.83 9.52
N ALA B 217 -0.86 18.17 9.79
CA ALA B 217 0.42 18.87 9.95
C ALA B 217 0.76 19.61 8.66
N ASP B 218 0.55 18.95 7.53
CA ASP B 218 0.84 19.57 6.23
C ASP B 218 -0.15 20.68 5.89
N LEU B 219 -1.39 20.55 6.33
CA LEU B 219 -2.39 21.59 6.11
C LEU B 219 -2.01 22.84 6.91
N LYS B 220 -1.53 22.64 8.13
CA LYS B 220 -1.13 23.76 8.99
C LYS B 220 0.07 24.47 8.37
N THR B 221 0.99 23.72 7.78
CA THR B 221 2.15 24.30 7.12
C THR B 221 1.71 25.13 5.92
N MET B 222 0.70 24.67 5.18
CA MET B 222 0.19 25.40 4.02
C MET B 222 -0.49 26.70 4.46
N VAL B 223 -1.18 26.67 5.61
CA VAL B 223 -1.82 27.86 6.16
C VAL B 223 -0.76 28.89 6.59
N GLU B 224 0.33 28.41 7.18
CA GLU B 224 1.40 29.26 7.68
C GLU B 224 2.21 29.92 6.55
N THR B 225 2.22 29.29 5.37
CA THR B 225 2.97 29.80 4.22
C THR B 225 2.02 30.26 3.11
N LYS B 226 0.76 30.46 3.46
CA LYS B 226 -0.29 30.85 2.53
C LYS B 226 0.02 32.10 1.72
N LYS B 227 -0.30 32.03 0.44
CA LYS B 227 -0.20 33.16 -0.48
C LYS B 227 -1.55 33.30 -1.17
N VAL B 228 -1.91 34.53 -1.54
CA VAL B 228 -3.18 34.80 -2.21
C VAL B 228 -2.98 35.60 -3.49
N VAL B 233 -7.93 34.82 -4.08
CA VAL B 233 -8.03 33.38 -3.89
C VAL B 233 -6.66 32.76 -3.62
N LEU B 234 -6.66 31.52 -3.15
CA LEU B 234 -5.42 30.81 -2.80
C LEU B 234 -4.56 30.48 -4.01
N LEU B 235 -3.25 30.62 -3.83
CA LEU B 235 -2.27 30.31 -4.85
C LEU B 235 -1.65 28.93 -4.57
N LEU B 236 -1.88 27.98 -5.47
CA LEU B 236 -1.32 26.63 -5.38
C LEU B 236 -0.69 26.33 -6.75
N ASP B 237 0.63 26.48 -6.88
CA ASP B 237 1.32 26.32 -8.16
C ASP B 237 2.11 25.02 -8.37
N ASN B 238 1.75 23.96 -7.66
CA ASN B 238 2.42 22.66 -7.84
C ASN B 238 1.50 21.51 -7.44
N TYR B 239 1.72 20.33 -8.00
CA TYR B 239 0.85 19.18 -7.70
C TYR B 239 0.75 18.88 -6.21
N SER B 240 1.87 18.94 -5.49
CA SER B 240 1.85 18.63 -4.06
C SER B 240 0.88 19.50 -3.26
N ASP B 241 0.88 20.81 -3.51
CA ASP B 241 -0.01 21.71 -2.78
C ASP B 241 -1.47 21.52 -3.18
N ARG B 242 -1.71 21.35 -4.48
CA ARG B 242 -3.06 21.17 -5.01
C ARG B 242 -3.70 19.90 -4.48
N ILE B 243 -2.96 18.79 -4.58
CA ILE B 243 -3.47 17.51 -4.11
C ILE B 243 -3.61 17.50 -2.58
N GLN B 244 -2.73 18.17 -1.87
CA GLN B 244 -2.82 18.22 -0.41
C GLN B 244 -4.11 18.93 0.01
N VAL B 245 -4.47 20.00 -0.69
CA VAL B 245 -5.70 20.72 -0.38
C VAL B 245 -6.91 19.82 -0.68
N LEU B 246 -6.89 19.12 -1.81
CA LEU B 246 -8.00 18.23 -2.17
C LEU B 246 -8.11 17.06 -1.19
N GLN B 247 -6.98 16.53 -0.76
CA GLN B 247 -6.97 15.44 0.21
C GLN B 247 -7.61 15.91 1.51
N ASN B 248 -7.19 17.07 1.99
CA ASN B 248 -7.72 17.62 3.23
C ASN B 248 -9.19 18.01 3.07
N MET B 249 -9.57 18.46 1.89
CA MET B 249 -10.96 18.85 1.63
C MET B 249 -11.89 17.65 1.77
N VAL B 250 -11.55 16.54 1.13
CA VAL B 250 -12.37 15.35 1.17
C VAL B 250 -12.33 14.75 2.59
N HIS B 251 -11.19 14.86 3.28
CA HIS B 251 -11.06 14.39 4.66
C HIS B 251 -11.99 15.21 5.57
N CYS B 252 -12.04 16.52 5.35
CA CYS B 252 -12.96 17.39 6.10
C CYS B 252 -14.40 16.99 5.82
N ALA B 253 -14.73 16.72 4.56
CA ALA B 253 -16.08 16.30 4.18
C ALA B 253 -16.45 14.99 4.87
N ASP B 254 -15.49 14.07 4.92
CA ASP B 254 -15.68 12.78 5.58
C ASP B 254 -15.93 12.98 7.08
N LEU B 255 -15.26 13.98 7.67
CA LEU B 255 -15.38 14.28 9.10
C LEU B 255 -16.23 15.54 9.33
N SER B 256 -17.26 15.71 8.50
CA SER B 256 -18.12 16.90 8.58
C SER B 256 -19.39 16.73 9.41
N ASN B 257 -19.72 15.52 9.85
CA ASN B 257 -20.98 15.33 10.59
C ASN B 257 -21.16 16.27 11.78
N PRO B 258 -20.15 16.43 12.64
CA PRO B 258 -20.31 17.32 13.79
C PRO B 258 -20.44 18.82 13.46
N THR B 259 -20.21 19.19 12.20
CA THR B 259 -20.35 20.59 11.75
C THR B 259 -21.72 20.87 11.12
N LYS B 260 -22.57 19.86 11.02
CA LYS B 260 -23.90 19.99 10.42
C LYS B 260 -24.94 20.36 11.45
N PRO B 261 -26.08 20.88 11.02
CA PRO B 261 -27.18 21.15 11.95
C PRO B 261 -27.42 19.94 12.86
N LEU B 262 -27.73 20.21 14.13
CA LEU B 262 -27.80 19.19 15.15
C LEU B 262 -28.67 17.98 14.83
N GLN B 263 -29.82 18.20 14.19
CA GLN B 263 -30.70 17.08 13.88
C GLN B 263 -30.03 16.08 12.93
N LEU B 264 -29.18 16.57 12.03
CA LEU B 264 -28.40 15.70 11.15
C LEU B 264 -27.27 15.03 11.94
N TYR B 265 -26.51 15.81 12.70
CA TYR B 265 -25.40 15.28 13.49
C TYR B 265 -25.85 14.15 14.41
N ARG B 266 -26.95 14.35 15.14
CA ARG B 266 -27.43 13.31 16.04
C ARG B 266 -27.77 12.01 15.31
N GLN B 267 -28.35 12.10 14.11
CA GLN B 267 -28.66 10.89 13.33
C GLN B 267 -27.37 10.17 12.93
N TRP B 268 -26.35 10.93 12.53
CA TRP B 268 -25.06 10.33 12.18
C TRP B 268 -24.43 9.66 13.39
N THR B 269 -24.53 10.30 14.57
CA THR B 269 -24.00 9.70 15.79
C THR B 269 -24.72 8.40 16.12
N ASP B 270 -26.06 8.41 16.05
CA ASP B 270 -26.83 7.20 16.31
C ASP B 270 -26.34 6.06 15.41
N ARG B 271 -26.09 6.38 14.14
CA ARG B 271 -25.64 5.40 13.15
C ARG B 271 -24.23 4.86 13.40
N ILE B 272 -23.25 5.73 13.66
CA ILE B 272 -21.90 5.22 13.91
C ILE B 272 -21.87 4.40 15.20
N MET B 273 -22.63 4.80 16.21
CA MET B 273 -22.65 4.02 17.46
C MET B 273 -23.22 2.63 17.22
N GLU B 274 -24.26 2.53 16.40
N GLU B 274 -24.27 2.53 16.41
CA GLU B 274 -24.84 1.23 16.07
CA GLU B 274 -24.85 1.23 16.06
C GLU B 274 -23.81 0.34 15.38
C GLU B 274 -23.82 0.35 15.37
N GLU B 275 -23.11 0.91 14.40
CA GLU B 275 -22.09 0.17 13.66
C GLU B 275 -20.94 -0.26 14.59
N PHE B 276 -20.49 0.66 15.44
CA PHE B 276 -19.42 0.37 16.42
C PHE B 276 -19.85 -0.73 17.41
N PHE B 277 -21.08 -0.65 17.92
CA PHE B 277 -21.57 -1.65 18.87
C PHE B 277 -21.64 -3.04 18.22
N ARG B 278 -21.98 -3.10 16.94
CA ARG B 278 -22.04 -4.36 16.22
C ARG B 278 -20.64 -4.94 16.05
N GLN B 279 -19.63 -4.08 15.85
CA GLN B 279 -18.25 -4.54 15.77
C GLN B 279 -17.83 -5.10 17.13
N GLY B 280 -18.20 -4.40 18.20
CA GLY B 280 -17.90 -4.82 19.54
C GLY B 280 -18.55 -6.15 19.89
N ASP B 281 -19.74 -6.40 19.35
CA ASP B 281 -20.42 -7.67 19.60
C ASP B 281 -19.66 -8.82 18.95
N ARG B 282 -19.07 -8.56 17.79
CA ARG B 282 -18.27 -9.56 17.07
C ARG B 282 -16.95 -9.79 17.82
N GLU B 283 -16.37 -8.71 18.36
CA GLU B 283 -15.13 -8.81 19.13
C GLU B 283 -15.35 -9.61 20.40
N ARG B 284 -16.49 -9.37 21.07
CA ARG B 284 -16.83 -10.07 22.30
C ARG B 284 -17.04 -11.56 22.05
N GLU B 285 -17.63 -11.90 20.91
CA GLU B 285 -17.87 -13.29 20.53
C GLU B 285 -16.57 -14.04 20.25
N ARG B 286 -15.57 -13.32 19.72
CA ARG B 286 -14.26 -13.89 19.41
C ARG B 286 -13.31 -13.94 20.60
N GLY B 287 -13.74 -13.39 21.74
CA GLY B 287 -12.93 -13.37 22.95
C GLY B 287 -11.87 -12.28 22.91
N MET B 288 -12.03 -11.31 22.00
CA MET B 288 -11.09 -10.21 21.87
C MET B 288 -11.45 -9.08 22.80
N GLU B 289 -10.49 -8.19 23.05
CA GLU B 289 -10.73 -6.99 23.84
C GLU B 289 -11.62 -6.11 22.97
N ILE B 290 -12.62 -5.48 23.57
CA ILE B 290 -13.53 -4.62 22.81
C ILE B 290 -12.88 -3.27 22.56
N SER B 291 -12.92 -2.83 21.30
CA SER B 291 -12.32 -1.56 20.90
C SER B 291 -13.04 -0.37 21.52
N PRO B 292 -12.35 0.77 21.62
CA PRO B 292 -12.96 1.99 22.16
C PRO B 292 -14.26 2.35 21.42
N MET B 293 -15.28 2.77 22.16
CA MET B 293 -16.59 3.17 21.61
C MET B 293 -17.44 1.99 21.07
N CYS B 294 -16.95 0.76 21.19
CA CYS B 294 -17.66 -0.40 20.63
C CYS B 294 -18.36 -1.30 21.64
N ASP B 295 -18.25 -1.00 22.93
CA ASP B 295 -18.87 -1.78 23.99
C ASP B 295 -20.20 -1.16 24.41
N LYS B 296 -21.30 -1.75 23.95
CA LYS B 296 -22.65 -1.26 24.26
C LYS B 296 -22.99 -1.28 25.75
N HIS B 297 -22.27 -2.10 26.53
CA HIS B 297 -22.49 -2.20 27.98
C HIS B 297 -21.63 -1.21 28.79
N ASN B 298 -20.62 -0.63 28.14
CA ASN B 298 -19.73 0.35 28.77
C ASN B 298 -19.43 1.48 27.81
N ALA B 299 -20.48 2.23 27.47
CA ALA B 299 -20.36 3.32 26.51
C ALA B 299 -20.68 4.67 27.13
N SER B 300 -20.02 5.69 26.61
CA SER B 300 -20.26 7.08 27.01
C SER B 300 -20.32 7.85 25.70
N VAL B 301 -21.47 7.76 25.03
CA VAL B 301 -21.66 8.36 23.70
C VAL B 301 -21.37 9.86 23.67
N GLU B 302 -21.85 10.58 24.68
CA GLU B 302 -21.71 12.03 24.72
C GLU B 302 -20.27 12.44 24.98
N LYS B 303 -19.62 11.78 25.94
CA LYS B 303 -18.21 12.05 26.23
C LYS B 303 -17.34 11.73 25.01
N SER B 304 -17.68 10.66 24.31
CA SER B 304 -16.94 10.26 23.12
C SER B 304 -17.06 11.27 21.99
N GLN B 305 -18.23 11.90 21.85
CA GLN B 305 -18.40 12.92 20.80
C GLN B 305 -17.58 14.16 21.15
N VAL B 306 -17.61 14.56 22.42
CA VAL B 306 -16.83 15.73 22.84
C VAL B 306 -15.34 15.46 22.60
N GLY B 307 -14.88 14.25 22.92
CA GLY B 307 -13.48 13.87 22.70
C GLY B 307 -13.13 13.86 21.22
N PHE B 308 -14.00 13.32 20.38
N PHE B 308 -14.03 13.33 20.40
CA PHE B 308 -13.71 13.27 18.96
CA PHE B 308 -13.88 13.24 18.94
C PHE B 308 -13.63 14.68 18.39
C PHE B 308 -13.70 14.64 18.36
N ILE B 309 -14.52 15.58 18.82
CA ILE B 309 -14.47 16.96 18.33
C ILE B 309 -13.19 17.64 18.84
N ASP B 310 -12.92 17.53 20.13
CA ASP B 310 -11.76 18.20 20.71
C ASP B 310 -10.41 17.76 20.15
N TYR B 311 -10.25 16.46 19.93
CA TYR B 311 -8.96 15.91 19.51
C TYR B 311 -8.76 15.75 18.00
N ILE B 312 -9.85 15.65 17.24
CA ILE B 312 -9.76 15.38 15.80
C ILE B 312 -10.50 16.38 14.93
N VAL B 313 -11.80 16.50 15.13
CA VAL B 313 -12.64 17.29 14.23
C VAL B 313 -12.41 18.79 14.30
N HIS B 314 -12.35 19.35 15.50
CA HIS B 314 -12.11 20.78 15.67
C HIS B 314 -10.71 21.20 15.23
N PRO B 315 -9.64 20.52 15.64
CA PRO B 315 -8.31 20.87 15.13
C PRO B 315 -8.27 20.89 13.59
N LEU B 316 -8.91 19.92 12.94
CA LEU B 316 -8.94 19.87 11.48
C LEU B 316 -9.74 21.03 10.89
N TRP B 317 -10.96 21.22 11.37
CA TRP B 317 -11.84 22.26 10.82
C TRP B 317 -11.39 23.68 11.13
N GLU B 318 -10.75 23.90 12.28
CA GLU B 318 -10.24 25.22 12.59
C GLU B 318 -9.10 25.56 11.62
N THR B 319 -8.32 24.55 11.24
CA THR B 319 -7.21 24.73 10.31
C THR B 319 -7.73 24.97 8.90
N TRP B 320 -8.77 24.23 8.50
CA TRP B 320 -9.39 24.44 7.19
C TRP B 320 -9.98 25.85 7.15
N ALA B 321 -10.67 26.25 8.22
CA ALA B 321 -11.27 27.58 8.31
C ALA B 321 -10.22 28.68 8.17
N ASP B 322 -9.01 28.43 8.69
N ASP B 322 -9.02 28.42 8.69
CA ASP B 322 -7.91 29.39 8.59
CA ASP B 322 -7.90 29.36 8.60
C ASP B 322 -7.43 29.50 7.14
C ASP B 322 -7.43 29.48 7.15
N LEU B 323 -7.38 28.37 6.43
CA LEU B 323 -6.94 28.35 5.04
C LEU B 323 -7.86 29.18 4.14
N VAL B 324 -9.16 29.06 4.36
CA VAL B 324 -10.17 29.74 3.55
C VAL B 324 -10.85 30.92 4.27
N HIS B 325 -10.21 31.43 5.32
CA HIS B 325 -10.78 32.48 6.16
C HIS B 325 -11.28 33.69 5.36
N PRO B 326 -12.49 34.19 5.60
CA PRO B 326 -13.45 33.73 6.62
C PRO B 326 -14.62 32.87 6.10
N ASP B 327 -14.44 32.21 4.95
CA ASP B 327 -15.52 31.46 4.31
C ASP B 327 -16.24 30.41 5.15
N ALA B 328 -15.48 29.71 6.00
CA ALA B 328 -16.03 28.61 6.79
C ALA B 328 -16.40 28.98 8.22
N GLN B 329 -16.55 30.27 8.52
CA GLN B 329 -16.86 30.69 9.88
C GLN B 329 -18.17 30.09 10.41
N ASP B 330 -19.22 30.07 9.59
CA ASP B 330 -20.51 29.52 10.02
C ASP B 330 -20.41 28.02 10.30
N ILE B 331 -19.62 27.31 9.51
CA ILE B 331 -19.43 25.87 9.71
C ILE B 331 -18.70 25.66 11.03
N LEU B 332 -17.64 26.42 11.28
CA LEU B 332 -16.87 26.29 12.52
C LEU B 332 -17.73 26.66 13.74
N ASP B 333 -18.56 27.69 13.61
CA ASP B 333 -19.46 28.11 14.69
C ASP B 333 -20.44 26.99 15.03
N THR B 334 -20.98 26.32 14.01
CA THR B 334 -21.93 25.23 14.22
C THR B 334 -21.25 24.07 14.94
N LEU B 335 -20.03 23.73 14.52
CA LEU B 335 -19.25 22.70 15.18
C LEU B 335 -19.07 23.03 16.66
N GLU B 336 -18.74 24.28 16.98
CA GLU B 336 -18.52 24.68 18.36
C GLU B 336 -19.82 24.64 19.16
N ASP B 337 -20.93 25.04 18.55
CA ASP B 337 -22.23 24.98 19.23
C ASP B 337 -22.60 23.52 19.52
N ASN B 338 -22.32 22.62 18.57
CA ASN B 338 -22.63 21.20 18.73
C ASN B 338 -21.77 20.57 19.81
N ARG B 339 -20.51 20.98 19.88
CA ARG B 339 -19.61 20.48 20.93
C ARG B 339 -20.17 20.90 22.29
N GLU B 340 -20.58 22.17 22.40
CA GLU B 340 -21.15 22.69 23.64
C GLU B 340 -22.43 21.95 24.02
N TRP B 341 -23.26 21.63 23.04
CA TRP B 341 -24.50 20.91 23.30
C TRP B 341 -24.22 19.51 23.85
N TYR B 342 -23.35 18.76 23.20
CA TYR B 342 -23.02 17.42 23.68
C TYR B 342 -22.40 17.49 25.07
N GLN B 343 -21.52 18.47 25.30
CA GLN B 343 -20.89 18.65 26.60
C GLN B 343 -21.91 18.92 27.70
N SER B 344 -22.94 19.71 27.37
CA SER B 344 -23.97 20.11 28.33
C SER B 344 -24.85 18.96 28.80
N THR B 345 -24.90 17.88 28.04
CA THR B 345 -25.69 16.71 28.41
C THR B 345 -24.98 15.82 29.44
N ILE B 346 -23.66 16.01 29.58
CA ILE B 346 -22.86 15.16 30.49
C ILE B 346 -23.16 15.35 31.99
N PRO B 347 -23.17 16.58 32.52
CA PRO B 347 -23.46 16.79 33.95
C PRO B 347 -24.84 16.28 34.36
ZN ZN C . 14.00 -10.44 -6.35
MG MG D . 10.93 -8.37 -6.67
O7 DEE E . 20.38 -6.51 -15.08
C6 DEE E . 19.91 -7.07 -14.09
O8 DEE E . 20.38 -8.26 -13.59
C11 DEE E . 21.59 -8.78 -14.15
C12 DEE E . 21.88 -10.12 -13.52
C1 DEE E . 18.64 -6.66 -13.50
C4 DEE E . 17.79 -7.33 -12.62
C9 DEE E . 17.85 -8.66 -11.97
C5 DEE E . 17.97 -5.41 -13.73
C10 DEE E . 18.41 -4.28 -14.58
N2 DEE E . 16.82 -5.32 -13.05
N3 DEE E . 16.74 -6.49 -12.40
C1 EDO F . 2.24 -2.72 8.00
O1 EDO F . 2.02 -2.91 9.38
C2 EDO F . 3.72 -2.69 7.73
O2 EDO F . 4.30 -1.57 8.39
C1 EDO G . 9.62 -24.54 -9.26
O1 EDO G . 9.49 -23.51 -8.31
C2 EDO G . 8.37 -25.37 -9.25
O2 EDO G . 7.25 -24.53 -9.34
C1 EDO H . 35.21 -5.42 11.40
O1 EDO H . 34.79 -6.73 11.70
C2 EDO H . 34.07 -4.46 11.61
O2 EDO H . 34.59 -3.15 11.65
C1 EDO I . 13.93 -22.87 -12.17
O1 EDO I . 14.36 -24.23 -12.19
C2 EDO I . 12.46 -22.82 -12.45
O2 EDO I . 11.78 -23.62 -11.51
C1 EDO J . 29.88 -8.04 4.37
O1 EDO J . 28.54 -7.65 4.58
C2 EDO J . 30.14 -9.41 4.92
O2 EDO J . 29.53 -10.37 4.09
C1 EDO K . 20.21 -7.83 20.05
O1 EDO K . 21.46 -7.34 20.49
C2 EDO K . 20.24 -9.33 19.99
O2 EDO K . 20.74 -9.85 21.20
C1 EDO L . 3.10 -14.55 11.60
O1 EDO L . 2.01 -15.24 12.17
C2 EDO L . 2.78 -14.23 10.15
O2 EDO L . 1.55 -13.54 10.11
C1 EDO M . 11.82 -4.23 -17.24
O1 EDO M . 11.35 -3.40 -16.21
C2 EDO M . 13.19 -3.75 -17.66
O2 EDO M . 13.05 -2.46 -18.21
C1 EDO N . -11.28 -6.11 -8.12
O1 EDO N . -9.88 -6.10 -8.18
C2 EDO N . -11.75 -5.39 -6.88
O2 EDO N . -11.26 -6.06 -5.75
C1 EDO O . -0.24 -23.73 -8.34
O1 EDO O . 0.93 -23.50 -7.59
C2 EDO O . -0.06 -24.96 -9.20
O2 EDO O . -0.57 -24.70 -10.50
C1 EDO P . -0.69 -13.36 -11.32
O1 EDO P . -0.67 -13.16 -12.71
C2 EDO P . 0.73 -13.39 -10.79
O2 EDO P . 1.47 -14.39 -11.47
ZN ZN Q . -16.17 7.87 4.92
MG MG R . -13.42 5.38 4.93
O7 DEE S . -17.83 9.57 16.21
C6 DEE S . -17.83 9.57 14.99
O8 DEE S . -18.88 10.02 14.24
C11 DEE S . -19.88 10.79 14.92
C12 DEE S . -20.98 11.11 13.93
C1 DEE S . -16.86 8.80 14.22
C4 DEE S . -16.90 8.42 12.87
C9 DEE S . -17.89 8.66 11.79
C5 DEE S . -15.65 8.25 14.71
C10 DEE S . -15.09 8.33 16.08
N2 DEE S . -14.98 7.59 13.75
N3 DEE S . -15.76 7.71 12.66
C1 EDO T . -28.07 13.00 24.35
O1 EDO T . -29.17 12.12 24.31
C2 EDO T . -27.21 12.82 23.11
O2 EDO T . -26.64 11.54 23.07
C1 EDO U . -32.06 23.46 10.83
O1 EDO U . -31.01 24.15 10.19
C2 EDO U . -33.37 24.11 10.44
O2 EDO U . -33.54 24.03 9.04
C1 EDO V . -13.70 1.59 15.76
O1 EDO V . -12.50 1.91 15.08
C2 EDO V . -13.82 2.47 16.98
O2 EDO V . -12.72 2.24 17.83
C1 EDO W . -9.74 6.83 -15.36
O1 EDO W . -10.13 6.16 -16.54
C2 EDO W . -9.90 5.90 -14.17
O2 EDO W . -8.88 4.93 -14.17
C1 EDO X . -5.65 5.51 -16.09
O1 EDO X . -4.64 5.46 -17.05
C2 EDO X . -6.49 4.26 -16.18
O2 EDO X . -7.65 4.56 -16.91
C1 EDO Y . -0.45 5.98 -7.58
O1 EDO Y . -0.11 6.43 -8.87
C2 EDO Y . -1.05 7.13 -6.80
O2 EDO Y . -0.05 8.10 -6.54
C1 EDO Z . -26.75 23.84 19.10
O1 EDO Z . -27.37 25.06 18.74
C2 EDO Z . -26.58 23.00 17.86
O2 EDO Z . -25.95 23.73 16.83
C1 EDO AA . -32.18 26.57 21.39
O1 EDO AA . -32.94 27.02 22.49
C2 EDO AA . -31.47 25.29 21.76
O2 EDO AA . -30.31 25.59 22.51
#